data_2ZUQ
#
_entry.id   2ZUQ
#
_cell.length_a   269.307
_cell.length_b   51.480
_cell.length_c   125.845
_cell.angle_alpha   90.00
_cell.angle_beta   106.89
_cell.angle_gamma   90.00
#
_symmetry.space_group_name_H-M   'C 1 2 1'
#
loop_
_entity.id
_entity.type
_entity.pdbx_description
1 polymer 'Disulfide bond formation protein B'
2 polymer 'Fab fragment light chain'
3 polymer 'Fab fragment heavy chain'
4 non-polymer UBIQUINONE-1
#
loop_
_entity_poly.entity_id
_entity_poly.type
_entity_poly.pdbx_seq_one_letter_code
_entity_poly.pdbx_strand_id
1 'polypeptide(L)'
;MLRFLNQASQGRGAWLLMAFTALALELTALWFQHVMLLKPSVLCIYERVALFGVLGAALIGAIAPKTPLRYVAMVIWLYS
AFRGVQLTYEHTMLQLYPSPFATCDFMVRFPEWLPLDKWVPQVFVASGDCAERQWDFLGLEMPQWLLGIFIAYLIVAVLV
VISQPFKAKKRDLFGR
;
A,D
2 'polypeptide(L)'
;MDSQAQVLILLLLWVSGTCGDIVMSQSPSSLAVSAGEKVTMSCKSSQSLLNSRTRKNYLAWYQQKPGQSPKLLIYWASTR
ESGVPDRFTGSGSGTDFTLTISSVQAEDLAVYYCKQSYNLYTFGGGTKLEIKRADAAPTVSIFPPSSEQLTSGGASVVCF
LNNFYPKDINVKWKIDGSERQNGVLNSWTDQDSKDSTYSMSSTLTLTKDEYERHNSYTCEATHKTSTSPIVKSFNRNEC
;
B,E
3 'polypeptide(L)'
;EVQLVESGGGLVKPGGSLKLSCAASGFAFSSYDMSWVRQTPEKRLEWVAYISSGGGSTYYPDTVKGRFTISRDNAKNTLY
LQMSSLKSEDTAMYYCARPDYRSYAMDYWGQGTSVTVSSAKTTAPSVYPLAPVCGDTTGSSVTLGCLVKGYFPEPVTLTW
NSGSLSSGVHTFPAVLQSDLYTLSSSVTVTSSTWPSQSITCNVAHPASSTKVDKKIEPRGP
;
C,F
#
# COMPACT_ATOMS: atom_id res chain seq x y z
N GLN A 10 -39.21 -24.25 -5.49
CA GLN A 10 -38.18 -24.63 -6.50
C GLN A 10 -38.46 -26.02 -7.06
N GLY A 11 -39.35 -26.08 -8.04
CA GLY A 11 -39.72 -27.33 -8.72
C GLY A 11 -39.53 -27.27 -10.23
N ARG A 12 -40.54 -27.75 -10.96
CA ARG A 12 -40.61 -27.55 -12.41
C ARG A 12 -41.30 -26.23 -12.77
N GLY A 13 -41.86 -25.56 -11.76
CA GLY A 13 -42.58 -24.30 -11.95
C GLY A 13 -41.67 -23.10 -11.84
N ALA A 14 -41.05 -22.95 -10.66
CA ALA A 14 -40.11 -21.85 -10.39
C ALA A 14 -38.95 -21.79 -11.39
N TRP A 15 -39.04 -22.63 -12.44
CA TRP A 15 -38.17 -22.55 -13.60
C TRP A 15 -39.01 -22.47 -14.87
N LEU A 16 -39.85 -23.47 -15.14
CA LEU A 16 -40.69 -23.48 -16.36
C LEU A 16 -41.54 -22.21 -16.54
N LEU A 17 -41.71 -21.46 -15.46
CA LEU A 17 -42.30 -20.14 -15.52
C LEU A 17 -41.31 -19.18 -16.17
N MET A 18 -40.09 -19.12 -15.60
CA MET A 18 -39.02 -18.29 -16.16
C MET A 18 -38.57 -18.77 -17.55
N ALA A 19 -38.53 -20.08 -17.76
CA ALA A 19 -38.25 -20.64 -19.08
C ALA A 19 -39.29 -20.17 -20.11
N PHE A 20 -40.54 -20.05 -19.67
CA PHE A 20 -41.59 -19.45 -20.50
C PHE A 20 -41.37 -17.95 -20.62
N THR A 21 -40.99 -17.32 -19.52
CA THR A 21 -40.85 -15.86 -19.46
C THR A 21 -39.80 -15.32 -20.44
N ALA A 22 -38.83 -16.15 -20.79
CA ALA A 22 -37.81 -15.80 -21.77
C ALA A 22 -38.27 -15.94 -23.23
N LEU A 23 -39.27 -16.79 -23.46
CA LEU A 23 -39.97 -16.80 -24.75
C LEU A 23 -40.89 -15.60 -24.83
N ALA A 24 -41.36 -15.15 -23.67
CA ALA A 24 -42.25 -14.00 -23.55
C ALA A 24 -41.46 -12.70 -23.67
N LEU A 25 -40.35 -12.78 -24.40
CA LEU A 25 -39.49 -11.64 -24.69
C LEU A 25 -38.81 -11.85 -26.03
N GLU A 26 -38.09 -12.97 -26.16
CA GLU A 26 -37.39 -13.29 -27.40
C GLU A 26 -38.27 -13.44 -28.63
N LEU A 27 -39.53 -13.81 -28.42
CA LEU A 27 -40.51 -13.78 -29.49
C LEU A 27 -41.13 -12.38 -29.57
N THR A 28 -41.37 -11.77 -28.41
CA THR A 28 -41.84 -10.36 -28.36
C THR A 28 -40.96 -9.53 -29.27
N ALA A 29 -39.65 -9.70 -29.10
CA ALA A 29 -38.65 -9.07 -29.95
C ALA A 29 -38.84 -9.46 -31.42
N LEU A 30 -39.04 -10.76 -31.67
CA LEU A 30 -39.15 -11.31 -33.03
C LEU A 30 -40.32 -10.74 -33.80
N TRP A 31 -41.39 -10.41 -33.07
CA TRP A 31 -42.56 -9.71 -33.63
C TRP A 31 -42.14 -8.48 -34.44
N PHE A 32 -41.29 -7.66 -33.82
CA PHE A 32 -40.73 -6.47 -34.45
C PHE A 32 -40.01 -6.75 -35.77
N GLN A 33 -39.09 -7.70 -35.77
CA GLN A 33 -38.38 -8.09 -37.00
C GLN A 33 -39.29 -8.16 -38.20
N HIS A 34 -40.43 -8.80 -38.03
CA HIS A 34 -41.22 -9.25 -39.17
C HIS A 34 -42.60 -8.58 -39.35
N VAL A 35 -43.16 -8.04 -38.26
CA VAL A 35 -44.40 -7.27 -38.38
C VAL A 35 -44.12 -5.77 -38.38
N MET A 36 -43.53 -5.28 -37.27
CA MET A 36 -43.22 -3.86 -37.14
C MET A 36 -41.88 -3.47 -37.77
N LEU A 37 -41.44 -4.31 -38.72
CA LEU A 37 -40.22 -4.14 -39.53
C LEU A 37 -39.80 -2.67 -39.67
N LEU A 38 -38.83 -2.17 -38.90
CA LEU A 38 -37.99 -2.89 -37.89
C LEU A 38 -37.22 -4.13 -38.34
N LYS A 39 -36.12 -3.87 -39.03
CA LYS A 39 -35.15 -4.90 -39.37
C LYS A 39 -34.08 -5.00 -38.28
N PRO A 40 -33.50 -3.83 -37.87
CA PRO A 40 -32.18 -3.70 -37.23
C PRO A 40 -31.72 -4.79 -36.23
N SER A 41 -30.43 -4.77 -35.94
CA SER A 41 -29.87 -5.63 -34.92
C SER A 41 -28.87 -4.89 -34.06
N VAL A 42 -27.80 -4.43 -34.70
CA VAL A 42 -26.59 -4.03 -33.99
C VAL A 42 -26.09 -5.22 -33.12
N LEU A 43 -25.88 -4.97 -31.82
CA LEU A 43 -25.47 -6.00 -30.86
C LEU A 43 -26.68 -6.84 -30.44
N CYS A 44 -27.86 -6.39 -30.86
CA CYS A 44 -29.12 -7.05 -30.56
C CYS A 44 -29.13 -8.56 -30.86
N ILE A 45 -28.50 -9.01 -31.94
CA ILE A 45 -28.39 -10.45 -32.20
C ILE A 45 -27.50 -11.11 -31.17
N TYR A 46 -26.34 -10.51 -30.91
CA TYR A 46 -25.47 -10.92 -29.83
C TYR A 46 -26.27 -10.99 -28.53
N GLU A 47 -27.28 -10.14 -28.40
CA GLU A 47 -28.14 -10.08 -27.24
C GLU A 47 -29.28 -11.09 -27.26
N ARG A 48 -29.80 -11.40 -28.45
CA ARG A 48 -30.78 -12.47 -28.58
C ARG A 48 -30.17 -13.68 -27.90
N VAL A 49 -28.97 -14.03 -28.33
CA VAL A 49 -28.17 -15.11 -27.72
C VAL A 49 -28.18 -15.09 -26.17
N ALA A 50 -27.96 -13.92 -25.58
CA ALA A 50 -28.01 -13.79 -24.12
C ALA A 50 -29.25 -14.43 -23.49
N LEU A 51 -30.43 -14.19 -24.06
CA LEU A 51 -31.67 -14.83 -23.57
C LEU A 51 -31.80 -16.32 -23.92
N PHE A 52 -31.25 -16.74 -25.07
CA PHE A 52 -31.17 -18.16 -25.40
C PHE A 52 -30.13 -18.84 -24.51
N GLY A 53 -29.42 -18.05 -23.72
CA GLY A 53 -28.60 -18.59 -22.66
C GLY A 53 -29.47 -18.72 -21.42
N VAL A 54 -30.27 -17.69 -21.15
CA VAL A 54 -31.19 -17.68 -20.01
C VAL A 54 -32.21 -18.83 -20.07
N LEU A 55 -32.79 -19.06 -21.25
CA LEU A 55 -33.59 -20.26 -21.47
C LEU A 55 -32.88 -21.45 -20.84
N GLY A 56 -31.85 -21.95 -21.52
CA GLY A 56 -31.08 -23.11 -21.06
C GLY A 56 -31.22 -23.26 -19.55
N ALA A 57 -30.73 -22.27 -18.82
CA ALA A 57 -30.78 -22.23 -17.35
C ALA A 57 -32.11 -22.67 -16.76
N ALA A 58 -33.18 -21.95 -17.11
CA ALA A 58 -34.52 -22.18 -16.58
C ALA A 58 -35.09 -23.52 -17.05
N LEU A 59 -35.14 -23.68 -18.37
CA LEU A 59 -35.55 -24.92 -19.00
C LEU A 59 -34.78 -26.16 -18.47
N ILE A 60 -33.54 -25.97 -18.00
CA ILE A 60 -32.77 -27.08 -17.41
C ILE A 60 -33.02 -27.21 -15.91
N GLY A 61 -33.11 -26.06 -15.24
CA GLY A 61 -33.54 -25.99 -13.84
C GLY A 61 -34.92 -26.60 -13.69
N ALA A 62 -35.68 -26.57 -14.79
CA ALA A 62 -36.95 -27.28 -14.90
C ALA A 62 -36.77 -28.73 -15.41
N ILE A 63 -36.79 -28.94 -16.73
CA ILE A 63 -36.71 -30.29 -17.30
C ILE A 63 -35.65 -31.13 -16.58
N ALA A 64 -36.12 -32.24 -16.00
CA ALA A 64 -35.38 -33.04 -15.03
C ALA A 64 -34.79 -32.12 -13.93
N PRO A 65 -35.66 -31.63 -13.02
CA PRO A 65 -35.38 -30.54 -12.09
C PRO A 65 -33.94 -30.45 -11.62
N LYS A 66 -33.47 -31.27 -10.67
CA LYS A 66 -34.26 -32.12 -9.79
C LYS A 66 -33.80 -31.78 -8.37
N THR A 67 -32.49 -31.89 -8.15
CA THR A 67 -31.79 -31.37 -6.96
C THR A 67 -30.26 -31.36 -7.21
N PRO A 68 -29.78 -32.23 -8.12
CA PRO A 68 -28.36 -32.15 -8.52
C PRO A 68 -28.09 -31.09 -9.62
N LEU A 69 -28.89 -31.17 -10.69
CA LEU A 69 -28.77 -30.34 -11.88
C LEU A 69 -29.12 -28.88 -11.60
N ARG A 70 -29.87 -28.65 -10.53
CA ARG A 70 -30.26 -27.30 -10.08
C ARG A 70 -29.06 -26.42 -9.73
N TYR A 71 -27.92 -27.05 -9.43
CA TYR A 71 -26.65 -26.36 -9.17
C TYR A 71 -25.98 -25.88 -10.46
N VAL A 72 -26.15 -26.65 -11.53
CA VAL A 72 -25.70 -26.25 -12.85
C VAL A 72 -26.53 -25.07 -13.27
N ALA A 73 -27.84 -25.27 -13.34
CA ALA A 73 -28.78 -24.23 -13.79
C ALA A 73 -28.46 -22.86 -13.18
N MET A 74 -28.01 -22.86 -11.94
CA MET A 74 -27.63 -21.63 -11.23
C MET A 74 -26.64 -20.77 -12.00
N VAL A 75 -25.50 -21.35 -12.32
CA VAL A 75 -24.36 -20.63 -12.87
C VAL A 75 -24.69 -20.14 -14.29
N ILE A 76 -25.32 -21.00 -15.08
CA ILE A 76 -25.72 -20.63 -16.42
C ILE A 76 -26.86 -19.59 -16.39
N TRP A 77 -27.67 -19.62 -15.32
CA TRP A 77 -28.71 -18.60 -15.02
C TRP A 77 -28.02 -17.38 -14.41
N LEU A 78 -26.70 -17.47 -14.28
CA LEU A 78 -25.91 -16.39 -13.76
C LEU A 78 -25.11 -15.78 -14.89
N TYR A 79 -24.49 -16.65 -15.70
CA TYR A 79 -23.58 -16.20 -16.75
C TYR A 79 -24.28 -15.35 -17.80
N SER A 80 -25.12 -15.97 -18.61
CA SER A 80 -25.78 -15.29 -19.72
C SER A 80 -26.71 -14.12 -19.32
N ALA A 81 -26.88 -13.91 -18.02
CA ALA A 81 -27.59 -12.73 -17.54
C ALA A 81 -26.62 -11.57 -17.34
N PHE A 82 -25.53 -11.85 -16.62
CA PHE A 82 -24.44 -10.88 -16.44
C PHE A 82 -23.85 -10.49 -17.79
N ARG A 83 -23.65 -11.48 -18.66
CA ARG A 83 -23.32 -11.26 -20.04
C ARG A 83 -24.37 -10.36 -20.69
N GLY A 84 -25.63 -10.74 -20.58
CA GLY A 84 -26.70 -9.89 -21.07
C GLY A 84 -26.48 -8.43 -20.70
N VAL A 85 -26.32 -8.16 -19.40
CA VAL A 85 -26.18 -6.78 -18.93
C VAL A 85 -25.08 -6.05 -19.68
N GLN A 86 -23.85 -6.57 -19.63
CA GLN A 86 -22.68 -5.88 -20.21
C GLN A 86 -22.82 -5.64 -21.72
N LEU A 87 -23.49 -6.57 -22.41
CA LEU A 87 -23.93 -6.34 -23.80
C LEU A 87 -24.99 -5.23 -23.95
N THR A 88 -26.08 -5.28 -23.18
CA THR A 88 -27.08 -4.20 -23.21
C THR A 88 -26.58 -2.88 -22.69
N TYR A 89 -25.59 -2.93 -21.81
CA TYR A 89 -25.04 -1.73 -21.20
C TYR A 89 -24.25 -0.87 -22.19
N GLU A 90 -23.19 -1.45 -22.76
CA GLU A 90 -22.40 -0.74 -23.77
C GLU A 90 -23.27 -0.36 -24.93
N HIS A 91 -24.14 -1.29 -25.33
CA HIS A 91 -25.15 -0.98 -26.32
C HIS A 91 -25.97 0.27 -25.95
N THR A 92 -26.25 0.47 -24.66
CA THR A 92 -27.03 1.61 -24.23
C THR A 92 -26.11 2.81 -24.25
N MET A 93 -25.03 2.71 -23.47
CA MET A 93 -23.94 3.68 -23.49
C MET A 93 -23.71 4.27 -24.88
N LEU A 94 -23.56 3.41 -25.88
CA LEU A 94 -23.28 3.82 -27.23
C LEU A 94 -24.36 4.69 -27.87
N GLN A 95 -25.32 5.17 -27.09
CA GLN A 95 -26.23 6.25 -27.51
C GLN A 95 -26.08 7.50 -26.68
N LEU A 96 -26.14 7.34 -25.37
CA LEU A 96 -25.95 8.46 -24.46
C LEU A 96 -24.51 8.95 -24.56
N TYR A 97 -23.81 8.40 -25.55
CA TYR A 97 -22.39 8.47 -25.65
C TYR A 97 -22.01 7.66 -26.89
N PRO A 98 -22.28 8.18 -28.11
CA PRO A 98 -21.81 7.40 -29.29
C PRO A 98 -20.36 7.77 -29.56
N SER A 99 -19.57 6.83 -30.07
CA SER A 99 -18.11 7.02 -30.09
C SER A 99 -17.60 7.49 -31.43
N PRO A 100 -16.85 8.61 -31.46
CA PRO A 100 -16.44 9.32 -32.66
C PRO A 100 -16.17 8.44 -33.86
N PHE A 101 -15.95 7.15 -33.62
CA PHE A 101 -15.61 6.18 -34.68
C PHE A 101 -16.79 5.37 -35.18
N ALA A 102 -17.42 4.61 -34.30
CA ALA A 102 -18.50 3.74 -34.74
C ALA A 102 -17.92 2.85 -35.82
N THR A 103 -18.79 2.35 -36.69
CA THR A 103 -18.42 1.46 -37.78
C THR A 103 -19.69 1.26 -38.58
N CYS A 104 -20.71 0.71 -37.91
CA CYS A 104 -21.94 0.32 -38.59
C CYS A 104 -21.69 -1.00 -39.36
N ASP A 105 -21.35 -2.05 -38.62
CA ASP A 105 -21.10 -3.37 -39.22
C ASP A 105 -22.18 -4.39 -38.84
N PHE A 106 -22.00 -5.63 -39.31
CA PHE A 106 -23.06 -6.64 -39.35
C PHE A 106 -22.48 -8.03 -39.03
N MET A 107 -22.36 -8.88 -40.04
CA MET A 107 -21.49 -10.08 -39.99
C MET A 107 -21.57 -11.03 -38.75
N VAL A 108 -20.57 -11.91 -38.65
CA VAL A 108 -20.40 -12.91 -37.57
C VAL A 108 -19.91 -12.27 -36.28
N LEU A 114 -18.57 -23.44 -34.96
CA LEU A 114 -20.02 -23.30 -34.76
C LEU A 114 -20.59 -22.10 -35.52
N PRO A 115 -21.67 -22.33 -36.29
CA PRO A 115 -22.34 -21.27 -37.05
C PRO A 115 -23.24 -20.37 -36.20
N LEU A 116 -22.81 -19.12 -36.03
CA LEU A 116 -23.69 -18.08 -35.52
C LEU A 116 -24.73 -17.81 -36.60
N ASP A 117 -24.31 -17.10 -37.65
CA ASP A 117 -25.15 -16.74 -38.81
C ASP A 117 -26.00 -17.89 -39.38
N LYS A 118 -25.37 -19.03 -39.63
CA LYS A 118 -25.95 -20.09 -40.48
C LYS A 118 -27.14 -20.85 -39.88
N TRP A 119 -26.90 -21.61 -38.80
CA TRP A 119 -27.88 -22.60 -38.31
C TRP A 119 -29.23 -22.00 -37.85
N VAL A 120 -29.44 -20.71 -38.15
CA VAL A 120 -30.78 -20.10 -38.29
C VAL A 120 -30.68 -18.78 -39.07
N PRO A 121 -31.66 -18.52 -39.94
CA PRO A 121 -31.72 -17.22 -40.61
C PRO A 121 -32.62 -16.22 -39.88
N GLN A 122 -33.87 -16.60 -39.66
CA GLN A 122 -34.95 -15.69 -39.25
C GLN A 122 -34.81 -15.05 -37.85
N VAL A 123 -33.77 -15.43 -37.10
CA VAL A 123 -33.49 -14.82 -35.79
C VAL A 123 -31.97 -14.65 -35.51
N PHE A 124 -31.14 -15.18 -36.41
CA PHE A 124 -29.67 -15.05 -36.29
C PHE A 124 -29.02 -14.20 -37.39
N VAL A 125 -29.85 -13.51 -38.17
CA VAL A 125 -29.37 -12.54 -39.17
C VAL A 125 -29.39 -11.13 -38.58
N ALA A 126 -28.40 -10.32 -38.96
CA ALA A 126 -28.18 -9.02 -38.33
C ALA A 126 -27.94 -7.90 -39.34
N SER A 127 -29.01 -7.29 -39.84
CA SER A 127 -28.87 -6.21 -40.84
C SER A 127 -29.34 -4.83 -40.34
N GLY A 128 -28.64 -4.32 -39.33
CA GLY A 128 -28.89 -2.98 -38.80
C GLY A 128 -28.04 -1.96 -39.52
N ASP A 129 -28.60 -1.39 -40.59
CA ASP A 129 -27.86 -0.51 -41.53
C ASP A 129 -27.80 0.97 -41.10
N CYS A 130 -28.04 1.22 -39.82
CA CYS A 130 -27.83 2.51 -39.18
C CYS A 130 -28.64 3.65 -39.76
N ALA A 131 -29.86 3.76 -39.27
CA ALA A 131 -30.54 5.03 -39.26
C ALA A 131 -30.28 5.51 -37.84
N GLU A 132 -29.71 6.71 -37.71
CA GLU A 132 -29.37 7.21 -36.38
C GLU A 132 -30.65 7.66 -35.68
N ARG A 133 -31.62 6.77 -35.66
CA ARG A 133 -32.89 7.04 -35.03
C ARG A 133 -33.62 5.75 -34.69
N GLN A 134 -34.24 5.73 -33.51
CA GLN A 134 -35.10 4.64 -33.09
C GLN A 134 -36.19 5.20 -32.19
N TRP A 135 -37.45 4.94 -32.52
CA TRP A 135 -38.56 5.37 -31.66
C TRP A 135 -38.96 4.27 -30.66
N ASP A 136 -37.93 3.66 -30.07
CA ASP A 136 -38.10 2.66 -29.02
C ASP A 136 -38.82 3.32 -27.85
N PHE A 137 -40.04 2.85 -27.61
CA PHE A 137 -41.04 3.56 -26.79
C PHE A 137 -40.63 4.00 -25.37
N LEU A 138 -41.23 5.12 -24.94
CA LEU A 138 -41.30 5.56 -23.53
C LEU A 138 -40.03 6.20 -22.96
N GLY A 139 -39.31 6.89 -23.82
CA GLY A 139 -38.08 7.58 -23.41
C GLY A 139 -36.92 6.62 -23.11
N LEU A 140 -37.12 5.34 -23.44
CA LEU A 140 -36.11 4.31 -23.26
C LEU A 140 -36.07 3.42 -24.50
N GLU A 141 -34.87 3.22 -25.02
CA GLU A 141 -34.66 2.33 -26.17
C GLU A 141 -34.72 0.88 -25.73
N MET A 142 -35.04 -0.01 -26.67
CA MET A 142 -35.01 -1.42 -26.39
C MET A 142 -33.76 -1.79 -25.61
N PRO A 143 -32.56 -1.53 -26.16
CA PRO A 143 -31.38 -1.89 -25.38
C PRO A 143 -31.42 -1.30 -23.96
N GLN A 144 -32.16 -0.20 -23.79
CA GLN A 144 -32.25 0.46 -22.50
C GLN A 144 -33.19 -0.29 -21.56
N TRP A 145 -34.33 -0.74 -22.10
CA TRP A 145 -35.22 -1.64 -21.37
C TRP A 145 -34.40 -2.87 -21.04
N LEU A 146 -34.16 -3.70 -22.07
CA LEU A 146 -33.42 -4.96 -21.98
C LEU A 146 -32.25 -4.97 -21.01
N LEU A 147 -31.53 -3.85 -20.89
CA LEU A 147 -30.54 -3.70 -19.82
C LEU A 147 -31.17 -3.93 -18.44
N GLY A 148 -32.32 -3.32 -18.20
CA GLY A 148 -33.01 -3.46 -16.92
C GLY A 148 -33.51 -4.88 -16.67
N ILE A 149 -34.29 -5.38 -17.61
CA ILE A 149 -34.82 -6.74 -17.53
C ILE A 149 -33.69 -7.78 -17.25
N PHE A 150 -32.46 -7.46 -17.68
CA PHE A 150 -31.32 -8.36 -17.52
C PHE A 150 -30.76 -8.22 -16.13
N ILE A 151 -31.00 -7.08 -15.51
CA ILE A 151 -30.67 -6.92 -14.10
C ILE A 151 -31.71 -7.71 -13.31
N ALA A 152 -32.94 -7.73 -13.82
CA ALA A 152 -34.04 -8.52 -13.24
C ALA A 152 -33.90 -10.06 -13.40
N TYR A 153 -32.76 -10.51 -13.91
CA TYR A 153 -32.47 -11.93 -14.00
C TYR A 153 -31.17 -12.19 -13.25
N LEU A 154 -30.30 -11.19 -13.25
CA LEU A 154 -29.03 -11.25 -12.53
C LEU A 154 -29.28 -11.06 -11.03
N ILE A 155 -30.16 -10.12 -10.71
CA ILE A 155 -30.42 -9.82 -9.31
C ILE A 155 -31.39 -10.84 -8.66
N VAL A 156 -32.11 -11.60 -9.49
CA VAL A 156 -32.78 -12.84 -9.06
C VAL A 156 -31.68 -13.86 -8.78
N ALA A 157 -31.32 -14.65 -9.79
CA ALA A 157 -30.19 -15.59 -9.73
C ALA A 157 -29.33 -15.47 -8.46
N VAL A 158 -28.56 -14.40 -8.36
CA VAL A 158 -27.78 -14.22 -7.14
C VAL A 158 -28.70 -13.79 -6.00
N LEU A 159 -29.05 -12.50 -5.97
CA LEU A 159 -29.59 -11.85 -4.76
C LEU A 159 -31.02 -12.28 -4.37
N VAL A 160 -31.60 -13.20 -5.14
CA VAL A 160 -32.88 -13.82 -4.79
C VAL A 160 -32.84 -15.36 -5.00
N VAL A 161 -31.63 -15.92 -5.18
CA VAL A 161 -31.46 -17.38 -5.13
C VAL A 161 -30.26 -17.80 -4.29
N ILE A 162 -29.06 -17.74 -4.87
CA ILE A 162 -27.87 -18.19 -4.16
C ILE A 162 -27.36 -17.17 -3.13
N ASP B 21 -12.65 14.29 -44.78
CA ASP B 21 -13.19 14.29 -43.37
C ASP B 21 -14.04 15.53 -43.14
N ILE B 22 -14.33 15.81 -41.88
CA ILE B 22 -14.90 17.09 -41.54
C ILE B 22 -13.73 18.10 -41.53
N VAL B 23 -13.98 19.31 -42.01
CA VAL B 23 -13.02 20.42 -41.83
C VAL B 23 -13.49 21.53 -40.88
N MET B 24 -12.77 21.65 -39.77
CA MET B 24 -12.94 22.77 -38.86
C MET B 24 -12.04 23.89 -39.31
N SER B 25 -12.60 25.09 -39.23
CA SER B 25 -11.98 26.30 -39.69
C SER B 25 -12.48 27.43 -38.81
N GLN B 26 -11.57 28.02 -38.03
CA GLN B 26 -11.89 29.15 -37.17
C GLN B 26 -11.48 30.48 -37.82
N SER B 27 -12.21 31.55 -37.51
CA SER B 27 -11.75 32.91 -37.82
C SER B 27 -11.90 33.71 -36.54
N PRO B 28 -11.00 34.68 -36.30
CA PRO B 28 -9.83 35.04 -37.08
C PRO B 28 -8.61 34.28 -36.59
N SER B 29 -7.46 34.50 -37.22
CA SER B 29 -6.20 33.96 -36.73
C SER B 29 -5.86 34.53 -35.36
N SER B 30 -5.99 35.86 -35.22
CA SER B 30 -5.60 36.55 -34.00
C SER B 30 -6.63 37.56 -33.48
N LEU B 31 -6.63 37.72 -32.16
CA LEU B 31 -7.42 38.74 -31.47
C LEU B 31 -6.60 39.49 -30.43
N ALA B 32 -6.72 40.81 -30.44
CA ALA B 32 -6.19 41.61 -29.35
C ALA B 32 -7.36 42.07 -28.48
N VAL B 33 -7.10 42.25 -27.19
CA VAL B 33 -8.09 42.81 -26.27
C VAL B 33 -7.46 43.33 -24.96
N SER B 34 -7.99 44.43 -24.44
CA SER B 34 -7.52 44.98 -23.19
C SER B 34 -8.11 44.17 -22.06
N ALA B 35 -7.26 43.87 -21.07
CA ALA B 35 -7.54 42.85 -20.03
C ALA B 35 -8.85 43.07 -19.25
N GLY B 36 -9.93 42.44 -19.71
CA GLY B 36 -11.19 42.46 -18.96
C GLY B 36 -12.40 42.57 -19.85
N GLU B 37 -12.19 42.30 -21.14
CA GLU B 37 -13.24 42.47 -22.14
C GLU B 37 -13.99 41.19 -22.50
N LYS B 38 -14.98 41.33 -23.38
CA LYS B 38 -15.67 40.18 -23.97
C LYS B 38 -15.12 39.91 -25.37
N VAL B 39 -14.78 38.65 -25.62
CA VAL B 39 -14.30 38.19 -26.92
C VAL B 39 -15.07 36.95 -27.28
N THR B 40 -15.46 36.88 -28.55
CA THR B 40 -16.24 35.76 -29.06
C THR B 40 -15.67 35.34 -30.41
N MET B 41 -14.67 34.45 -30.42
CA MET B 41 -14.20 33.92 -31.70
C MET B 41 -15.09 32.76 -32.20
N SER B 42 -14.97 32.43 -33.48
CA SER B 42 -15.92 31.51 -34.11
C SER B 42 -15.27 30.29 -34.71
N CYS B 43 -15.95 29.15 -34.55
CA CYS B 43 -15.57 27.88 -35.15
C CYS B 43 -16.69 27.37 -36.03
N LYS B 44 -16.39 27.16 -37.31
CA LYS B 44 -17.36 26.59 -38.24
C LYS B 44 -16.89 25.26 -38.84
N SER B 45 -17.75 24.25 -38.79
CA SER B 45 -17.41 22.95 -39.34
C SER B 45 -18.11 22.66 -40.66
N SER B 46 -17.45 21.88 -41.52
CA SER B 46 -17.95 21.59 -42.85
C SER B 46 -19.21 20.74 -42.85
N GLN B 47 -19.38 19.97 -41.78
CA GLN B 47 -20.43 18.98 -41.65
C GLN B 47 -21.24 19.30 -40.43
N SER B 48 -22.57 19.19 -40.50
CA SER B 48 -23.34 19.46 -39.30
C SER B 48 -22.96 18.52 -38.18
N LEU B 49 -22.97 19.02 -36.95
CA LEU B 49 -22.50 18.23 -35.80
C LEU B 49 -23.63 17.76 -34.86
N LEU B 50 -24.88 17.77 -35.34
CA LEU B 50 -26.04 17.37 -34.52
C LEU B 50 -26.42 15.91 -34.72
N ASN B 51 -26.72 15.23 -33.61
CA ASN B 51 -27.41 13.95 -33.68
C ASN B 51 -28.92 14.17 -33.77
N SER B 52 -29.62 13.24 -34.41
CA SER B 52 -31.07 13.21 -34.28
C SER B 52 -31.44 12.98 -32.81
N ARG B 53 -30.97 11.88 -32.21
CA ARG B 53 -31.20 11.62 -30.79
C ARG B 53 -30.30 12.45 -29.87
N THR B 54 -30.99 13.27 -29.07
CA THR B 54 -30.43 14.38 -28.26
C THR B 54 -29.80 15.45 -29.10
N ARG B 55 -30.25 16.68 -28.88
CA ARG B 55 -29.42 17.85 -29.24
C ARG B 55 -28.10 17.64 -28.53
N LYS B 56 -27.11 17.18 -29.30
CA LYS B 56 -25.79 16.85 -28.79
C LYS B 56 -24.86 17.29 -29.87
N ASN B 57 -24.12 18.36 -29.63
CA ASN B 57 -23.42 18.96 -30.76
C ASN B 57 -21.95 18.62 -30.96
N TYR B 58 -21.47 17.63 -30.22
CA TYR B 58 -20.21 16.93 -30.55
C TYR B 58 -18.97 17.77 -31.00
N LEU B 59 -18.91 18.98 -30.46
CA LEU B 59 -17.79 19.84 -30.70
C LEU B 59 -17.19 20.18 -29.36
N ALA B 60 -15.86 20.18 -29.30
CA ALA B 60 -15.16 20.69 -28.15
C ALA B 60 -14.28 21.92 -28.47
N TRP B 61 -14.01 22.71 -27.42
CA TRP B 61 -13.08 23.84 -27.47
C TRP B 61 -11.93 23.56 -26.53
N TYR B 62 -10.71 23.56 -27.05
CA TYR B 62 -9.52 23.38 -26.19
C TYR B 62 -8.72 24.65 -26.20
N GLN B 63 -8.34 25.11 -25.01
CA GLN B 63 -7.40 26.21 -24.93
C GLN B 63 -6.01 25.62 -24.78
N GLN B 64 -5.01 26.32 -25.32
CA GLN B 64 -3.62 25.84 -25.23
C GLN B 64 -2.70 26.99 -24.97
N LYS B 65 -2.12 27.03 -23.77
CA LYS B 65 -1.24 28.13 -23.37
C LYS B 65 0.14 28.04 -24.03
N PRO B 66 0.87 29.17 -24.11
CA PRO B 66 2.16 29.14 -24.80
C PRO B 66 3.10 28.05 -24.27
N GLY B 67 3.44 27.09 -25.14
CA GLY B 67 4.28 25.96 -24.79
C GLY B 67 3.62 25.20 -23.67
N GLN B 68 2.46 24.65 -23.97
CA GLN B 68 1.72 23.75 -23.06
C GLN B 68 0.82 22.79 -23.81
N SER B 69 0.52 21.69 -23.17
CA SER B 69 -0.47 20.79 -23.71
C SER B 69 -1.83 21.51 -23.66
N PRO B 70 -2.63 21.37 -24.74
CA PRO B 70 -3.98 21.93 -24.71
C PRO B 70 -4.75 21.51 -23.44
N LYS B 71 -5.65 22.36 -22.96
CA LYS B 71 -6.56 22.01 -21.84
C LYS B 71 -8.02 21.93 -22.32
N LEU B 72 -8.78 20.98 -21.81
CA LEU B 72 -10.20 20.89 -22.16
C LEU B 72 -10.95 22.05 -21.52
N LEU B 73 -11.89 22.61 -22.26
CA LEU B 73 -12.51 23.89 -21.89
C LEU B 73 -14.03 23.80 -21.88
N ILE B 74 -14.55 23.33 -23.00
CA ILE B 74 -15.97 23.14 -23.17
C ILE B 74 -16.13 21.86 -23.96
N TYR B 75 -16.99 20.95 -23.48
CA TYR B 75 -17.41 19.87 -24.35
C TYR B 75 -18.86 19.96 -24.82
N TRP B 76 -19.24 19.01 -25.66
CA TRP B 76 -20.56 18.95 -26.28
C TRP B 76 -21.00 20.17 -27.08
N ALA B 77 -20.77 21.37 -26.52
CA ALA B 77 -20.72 22.63 -27.28
C ALA B 77 -20.98 23.76 -26.34
N SER B 78 -21.85 23.46 -25.38
CA SER B 78 -22.33 24.36 -24.33
C SER B 78 -21.61 24.09 -23.03
N THR B 79 -21.59 22.83 -22.61
CA THR B 79 -21.19 22.42 -21.25
C THR B 79 -19.71 22.63 -20.91
N ARG B 80 -19.46 23.36 -19.83
CA ARG B 80 -18.12 23.68 -19.36
C ARG B 80 -17.56 22.54 -18.52
N GLU B 81 -16.24 22.57 -18.31
CA GLU B 81 -15.57 21.44 -17.67
C GLU B 81 -14.95 21.78 -16.31
N SER B 82 -14.95 20.80 -15.40
CA SER B 82 -14.47 20.95 -14.01
C SER B 82 -13.46 22.07 -13.81
N GLY B 83 -13.92 23.19 -13.28
CA GLY B 83 -13.05 24.33 -13.02
C GLY B 83 -12.87 25.26 -14.21
N VAL B 84 -13.86 25.32 -15.08
CA VAL B 84 -13.91 26.35 -16.10
C VAL B 84 -14.73 27.49 -15.50
N PRO B 85 -14.11 28.68 -15.40
CA PRO B 85 -14.86 29.87 -14.99
C PRO B 85 -15.97 30.23 -15.99
N ASP B 86 -17.16 30.50 -15.45
CA ASP B 86 -18.39 30.79 -16.21
C ASP B 86 -18.14 31.64 -17.45
N ARG B 87 -17.07 32.43 -17.39
CA ARG B 87 -16.73 33.45 -18.38
C ARG B 87 -16.50 32.91 -19.79
N PHE B 88 -15.90 31.72 -19.88
CA PHE B 88 -15.82 31.04 -21.17
C PHE B 88 -17.19 30.49 -21.37
N THR B 89 -17.81 30.81 -22.51
CA THR B 89 -19.12 30.25 -22.84
C THR B 89 -19.13 29.64 -24.23
N GLY B 90 -19.86 28.55 -24.38
CA GLY B 90 -19.93 27.87 -25.67
C GLY B 90 -21.34 27.95 -26.21
N SER B 91 -21.51 28.70 -27.29
CA SER B 91 -22.76 28.71 -28.00
C SER B 91 -22.48 27.99 -29.29
N GLY B 92 -23.50 27.85 -30.13
CA GLY B 92 -23.32 27.27 -31.46
C GLY B 92 -24.16 26.04 -31.61
N SER B 93 -24.35 25.60 -32.84
CA SER B 93 -25.26 24.50 -33.13
C SER B 93 -25.38 24.29 -34.63
N GLY B 94 -25.33 23.03 -35.04
CA GLY B 94 -25.24 22.71 -36.45
C GLY B 94 -23.79 22.83 -36.89
N THR B 95 -23.52 23.76 -37.81
CA THR B 95 -22.18 23.92 -38.36
C THR B 95 -21.49 25.17 -37.80
N ASP B 96 -22.02 25.74 -36.72
CA ASP B 96 -21.73 27.14 -36.36
C ASP B 96 -21.48 27.44 -34.91
N PHE B 97 -20.26 27.27 -34.48
CA PHE B 97 -19.97 27.42 -33.07
C PHE B 97 -19.17 28.66 -32.79
N THR B 98 -19.34 29.16 -31.56
CA THR B 98 -18.72 30.40 -31.11
C THR B 98 -18.27 30.28 -29.65
N LEU B 99 -17.03 30.66 -29.37
CA LEU B 99 -16.53 30.67 -28.00
C LEU B 99 -16.43 32.09 -27.55
N THR B 100 -16.84 32.34 -26.31
CA THR B 100 -16.96 33.68 -25.77
C THR B 100 -16.38 33.81 -24.34
N ILE B 101 -15.36 34.66 -24.21
CA ILE B 101 -14.64 34.82 -22.94
C ILE B 101 -14.84 36.22 -22.44
N SER B 102 -15.66 36.35 -21.40
CA SER B 102 -15.86 37.66 -20.74
C SER B 102 -14.84 37.87 -19.62
N SER B 103 -14.46 39.14 -19.42
CA SER B 103 -13.55 39.53 -18.34
C SER B 103 -12.17 38.90 -18.50
N VAL B 104 -11.58 39.11 -19.68
CA VAL B 104 -10.28 38.53 -20.05
C VAL B 104 -9.17 38.82 -19.03
N GLN B 105 -8.87 37.84 -18.20
CA GLN B 105 -7.71 37.96 -17.36
C GLN B 105 -6.43 37.83 -18.16
N ALA B 106 -5.31 38.11 -17.49
CA ALA B 106 -4.01 38.16 -18.15
C ALA B 106 -3.56 36.75 -18.50
N GLU B 107 -3.93 35.80 -17.64
CA GLU B 107 -3.64 34.39 -17.79
C GLU B 107 -4.70 33.76 -18.69
N ASP B 108 -4.92 34.41 -19.84
CA ASP B 108 -5.82 33.92 -20.86
C ASP B 108 -5.14 34.10 -22.20
N LEU B 109 -3.82 34.26 -22.16
CA LEU B 109 -3.04 34.28 -23.39
C LEU B 109 -2.97 32.86 -23.95
N ALA B 110 -3.56 32.64 -25.10
CA ALA B 110 -3.65 31.29 -25.61
C ALA B 110 -4.07 31.21 -27.06
N VAL B 111 -3.88 30.05 -27.66
CA VAL B 111 -4.61 29.71 -28.85
C VAL B 111 -5.75 28.76 -28.44
N TYR B 112 -6.92 29.02 -29.03
CA TYR B 112 -8.17 28.32 -28.72
C TYR B 112 -8.57 27.47 -29.92
N TYR B 113 -8.65 26.17 -29.69
CA TYR B 113 -8.81 25.22 -30.78
C TYR B 113 -10.17 24.60 -30.62
N CYS B 114 -10.89 24.45 -31.73
CA CYS B 114 -12.13 23.71 -31.65
C CYS B 114 -11.85 22.35 -32.25
N LYS B 115 -12.52 21.33 -31.71
CA LYS B 115 -12.38 19.96 -32.20
C LYS B 115 -13.76 19.40 -32.48
N GLN B 116 -13.89 18.69 -33.58
CA GLN B 116 -15.10 17.92 -33.78
C GLN B 116 -14.83 16.51 -33.34
N SER B 117 -15.84 15.88 -32.74
CA SER B 117 -15.77 14.47 -32.40
C SER B 117 -17.00 13.73 -32.89
N TYR B 118 -17.60 14.21 -33.98
CA TYR B 118 -18.79 13.59 -34.54
C TYR B 118 -18.40 12.49 -35.47
N ASN B 119 -17.29 12.62 -36.17
CA ASN B 119 -16.83 11.54 -37.02
C ASN B 119 -15.35 11.66 -37.14
N LEU B 120 -14.66 10.83 -36.35
CA LEU B 120 -13.23 10.95 -36.06
C LEU B 120 -12.97 12.26 -35.30
N TYR B 121 -11.71 12.62 -35.12
CA TYR B 121 -11.37 13.84 -34.41
C TYR B 121 -10.73 14.83 -35.36
N THR B 122 -11.37 15.96 -35.67
CA THR B 122 -10.60 17.06 -36.33
C THR B 122 -10.58 18.36 -35.52
N PHE B 123 -9.54 19.16 -35.79
CA PHE B 123 -9.28 20.42 -35.08
C PHE B 123 -9.42 21.63 -36.02
N GLY B 124 -9.69 22.79 -35.44
CA GLY B 124 -9.65 24.02 -36.19
C GLY B 124 -8.20 24.39 -36.31
N GLY B 125 -7.93 25.50 -36.98
CA GLY B 125 -6.57 25.97 -37.16
C GLY B 125 -6.04 26.65 -35.92
N GLY B 126 -6.92 27.34 -35.20
CA GLY B 126 -6.52 28.02 -33.99
C GLY B 126 -6.81 29.50 -34.12
N THR B 127 -6.97 30.15 -32.97
CA THR B 127 -7.24 31.57 -32.88
C THR B 127 -6.36 32.03 -31.74
N LYS B 128 -5.39 32.89 -32.05
CA LYS B 128 -4.47 33.42 -31.03
C LYS B 128 -5.07 34.64 -30.32
N LEU B 129 -5.40 34.49 -29.03
CA LEU B 129 -5.89 35.62 -28.23
C LEU B 129 -4.74 36.29 -27.49
N GLU B 130 -4.07 37.22 -28.17
CA GLU B 130 -2.96 37.97 -27.56
C GLU B 130 -3.43 39.25 -26.87
N ILE B 131 -2.87 39.53 -25.69
CA ILE B 131 -3.32 40.65 -24.87
C ILE B 131 -2.77 42.01 -25.32
N LYS B 132 -3.58 43.04 -25.07
CA LYS B 132 -3.18 44.43 -25.14
C LYS B 132 -2.55 44.79 -23.81
N ALA B 134 -0.97 48.78 -21.77
CA ALA B 134 -0.18 50.02 -21.80
C ALA B 134 1.31 49.73 -21.84
N ASP B 135 2.05 50.57 -22.57
CA ASP B 135 3.46 50.35 -22.85
C ASP B 135 4.34 50.18 -21.58
N ALA B 136 5.55 49.65 -21.75
CA ALA B 136 6.57 49.65 -20.69
C ALA B 136 8.01 49.66 -21.27
N ALA B 137 8.96 50.08 -20.44
CA ALA B 137 10.38 50.25 -20.85
C ALA B 137 11.21 48.96 -20.85
N PRO B 138 11.80 48.60 -22.00
CA PRO B 138 12.68 47.42 -22.12
C PRO B 138 13.86 47.50 -21.17
N THR B 139 14.28 46.36 -20.61
CA THR B 139 15.28 46.36 -19.54
C THR B 139 16.60 45.66 -19.94
N VAL B 140 17.44 46.31 -20.74
CA VAL B 140 18.64 45.65 -21.31
C VAL B 140 19.74 45.32 -20.29
N SER B 141 20.64 44.40 -20.67
CA SER B 141 21.73 43.90 -19.83
C SER B 141 22.67 43.08 -20.72
N ILE B 142 23.92 43.53 -20.86
CA ILE B 142 24.88 42.86 -21.77
C ILE B 142 25.72 41.75 -21.11
N PHE B 143 26.04 40.73 -21.90
CA PHE B 143 26.71 39.52 -21.44
C PHE B 143 27.88 39.09 -22.35
N PRO B 144 29.12 39.19 -21.82
CA PRO B 144 30.35 38.83 -22.53
C PRO B 144 30.41 37.33 -22.81
N PRO B 145 31.28 36.91 -23.76
CA PRO B 145 31.57 35.49 -23.94
C PRO B 145 31.85 34.76 -22.63
N SER B 146 31.76 33.43 -22.65
CA SER B 146 32.19 32.62 -21.50
C SER B 146 33.54 31.98 -21.73
N SER B 147 34.42 32.15 -20.74
CA SER B 147 35.77 31.60 -20.76
C SER B 147 35.87 30.38 -21.67
N GLU B 148 35.09 29.33 -21.36
CA GLU B 148 35.20 28.04 -22.04
C GLU B 148 34.85 28.12 -23.51
N GLN B 149 33.80 28.88 -23.85
CA GLN B 149 33.44 29.13 -25.25
C GLN B 149 34.66 29.61 -26.03
N LEU B 150 35.39 30.54 -25.40
CA LEU B 150 36.59 31.13 -25.97
C LEU B 150 37.66 30.07 -26.11
N THR B 151 38.07 29.48 -24.98
CA THR B 151 39.13 28.47 -24.97
C THR B 151 38.75 27.20 -25.76
N SER B 152 37.53 27.20 -26.29
CA SER B 152 37.09 26.20 -27.26
C SER B 152 36.84 26.79 -28.65
N GLY B 153 37.43 27.95 -28.92
CA GLY B 153 37.61 28.46 -30.29
C GLY B 153 36.51 29.30 -30.89
N GLY B 154 35.75 29.99 -30.04
CA GLY B 154 34.68 30.88 -30.50
C GLY B 154 34.34 31.95 -29.48
N ALA B 155 33.53 32.92 -29.90
CA ALA B 155 33.15 34.04 -29.03
C ALA B 155 31.80 34.65 -29.39
N SER B 156 30.88 34.68 -28.43
CA SER B 156 29.53 35.21 -28.67
C SER B 156 29.12 36.18 -27.60
N VAL B 157 28.54 37.30 -28.00
CA VAL B 157 28.12 38.34 -27.06
C VAL B 157 26.62 38.64 -27.18
N VAL B 158 25.90 38.57 -26.05
CA VAL B 158 24.43 38.70 -26.02
C VAL B 158 23.93 39.78 -25.05
N CYS B 159 22.81 40.42 -25.39
CA CYS B 159 22.07 41.20 -24.40
C CYS B 159 20.57 40.94 -24.45
N PHE B 160 20.00 40.72 -23.27
CA PHE B 160 18.57 40.46 -23.12
C PHE B 160 17.81 41.77 -22.99
N LEU B 161 16.61 41.81 -23.53
CA LEU B 161 15.74 42.97 -23.45
C LEU B 161 14.45 42.54 -22.74
N ASN B 162 14.53 42.36 -21.44
CA ASN B 162 13.41 41.80 -20.70
C ASN B 162 12.23 42.76 -20.57
N ASN B 163 11.04 42.18 -20.40
CA ASN B 163 9.80 42.85 -19.99
C ASN B 163 9.33 44.13 -20.72
N PHE B 164 9.50 44.19 -22.03
CA PHE B 164 9.05 45.37 -22.77
C PHE B 164 7.70 45.17 -23.46
N TYR B 165 7.14 46.27 -23.95
CA TYR B 165 5.83 46.29 -24.62
C TYR B 165 5.56 47.69 -25.19
N PRO B 166 5.13 47.80 -26.46
CA PRO B 166 4.79 46.78 -27.45
C PRO B 166 6.00 46.07 -28.07
N LYS B 167 5.70 45.12 -28.96
CA LYS B 167 6.67 44.25 -29.64
C LYS B 167 7.85 45.01 -30.25
N ASP B 168 7.56 46.15 -30.87
CA ASP B 168 8.52 46.85 -31.71
C ASP B 168 9.67 47.48 -30.94
N ILE B 169 10.88 47.01 -31.26
CA ILE B 169 12.11 47.44 -30.60
C ILE B 169 13.29 47.22 -31.56
N ASN B 170 13.93 48.31 -31.99
CA ASN B 170 15.10 48.23 -32.85
C ASN B 170 16.38 48.27 -32.02
N VAL B 171 16.97 47.10 -31.84
CA VAL B 171 18.15 46.92 -31.01
C VAL B 171 19.42 46.98 -31.87
N LYS B 172 20.28 47.94 -31.53
CA LYS B 172 21.47 48.27 -32.32
C LYS B 172 22.75 48.03 -31.53
N TRP B 173 23.61 47.15 -32.06
CA TRP B 173 24.92 46.85 -31.45
C TRP B 173 25.97 47.92 -31.80
N LYS B 174 26.86 48.23 -30.84
CA LYS B 174 27.96 49.18 -31.03
C LYS B 174 29.30 48.59 -30.62
N ILE B 175 30.26 48.63 -31.54
CA ILE B 175 31.64 48.33 -31.19
C ILE B 175 32.34 49.68 -30.97
N ASP B 176 32.51 50.03 -29.68
CA ASP B 176 32.98 51.36 -29.20
C ASP B 176 32.24 52.58 -29.77
N GLY B 177 31.66 52.42 -30.96
CA GLY B 177 30.97 53.48 -31.70
C GLY B 177 30.75 53.08 -33.15
N SER B 178 31.72 52.34 -33.71
CA SER B 178 31.64 51.77 -35.06
C SER B 178 30.67 50.60 -35.07
N GLU B 179 29.66 50.68 -35.94
CA GLU B 179 28.53 49.75 -35.86
C GLU B 179 28.40 48.79 -37.04
N ARG B 180 28.92 47.57 -36.86
CA ARG B 180 28.76 46.46 -37.82
C ARG B 180 27.54 45.56 -37.51
N GLN B 181 27.09 44.77 -38.49
CA GLN B 181 25.81 44.05 -38.34
C GLN B 181 25.82 42.55 -38.68
N ASN B 182 26.52 42.16 -39.75
CA ASN B 182 26.57 40.74 -40.19
C ASN B 182 26.85 39.71 -39.08
N GLY B 183 25.80 39.05 -38.61
CA GLY B 183 25.91 38.02 -37.56
C GLY B 183 25.29 38.46 -36.25
N VAL B 184 24.04 38.89 -36.30
CA VAL B 184 23.31 39.42 -35.14
C VAL B 184 21.87 38.90 -35.11
N LEU B 185 21.67 37.74 -34.49
CA LEU B 185 20.38 37.01 -34.56
C LEU B 185 19.53 37.07 -33.28
N ASN B 186 18.30 37.55 -33.44
CA ASN B 186 17.41 37.85 -32.31
C ASN B 186 16.38 36.77 -31.98
N SER B 187 15.57 37.02 -30.95
CA SER B 187 14.32 36.30 -30.73
C SER B 187 13.43 36.89 -29.63
N TRP B 188 12.19 37.18 -30.01
CA TRP B 188 11.20 37.71 -29.09
C TRP B 188 10.48 36.52 -28.49
N THR B 189 10.34 36.49 -27.16
CA THR B 189 9.41 35.53 -26.57
C THR B 189 8.02 35.89 -27.09
N ASP B 190 7.17 34.90 -27.23
CA ASP B 190 5.76 35.16 -27.45
C ASP B 190 5.27 35.72 -26.12
N GLN B 191 4.60 36.87 -26.19
CA GLN B 191 4.06 37.61 -25.04
C GLN B 191 3.84 36.82 -23.73
N ASP B 192 4.35 37.36 -22.62
CA ASP B 192 4.21 36.79 -21.28
C ASP B 192 2.73 36.61 -20.92
N SER B 193 2.41 35.69 -20.01
CA SER B 193 1.02 35.42 -19.64
C SER B 193 0.61 36.02 -18.29
N LYS B 194 1.56 36.10 -17.37
CA LYS B 194 1.32 36.72 -16.08
C LYS B 194 1.37 38.24 -16.22
N ASP B 195 2.50 38.73 -16.72
CA ASP B 195 2.73 40.16 -16.90
C ASP B 195 2.29 40.64 -18.28
N SER B 196 2.13 39.72 -19.22
CA SER B 196 1.57 40.01 -20.54
C SER B 196 2.38 40.99 -21.38
N THR B 197 3.70 40.86 -21.32
CA THR B 197 4.59 41.72 -22.10
C THR B 197 5.75 40.95 -22.73
N TYR B 198 6.07 41.26 -23.98
CA TYR B 198 7.18 40.62 -24.71
C TYR B 198 8.52 40.61 -23.99
N SER B 199 9.51 39.99 -24.61
CA SER B 199 10.93 40.06 -24.24
C SER B 199 11.72 39.93 -25.53
N MET B 200 13.05 39.85 -25.45
CA MET B 200 13.87 39.68 -26.66
C MET B 200 15.30 39.31 -26.28
N SER B 201 16.09 38.84 -27.26
CA SER B 201 17.51 38.54 -27.03
C SER B 201 18.33 38.51 -28.32
N SER B 202 19.20 39.51 -28.48
CA SER B 202 20.09 39.58 -29.63
C SER B 202 21.46 38.98 -29.34
N THR B 203 22.00 38.25 -30.31
CA THR B 203 23.27 37.56 -30.15
C THR B 203 24.23 37.95 -31.27
N LEU B 204 25.30 38.62 -30.89
CA LEU B 204 26.38 38.91 -31.79
C LEU B 204 27.39 37.78 -31.69
N THR B 205 27.68 37.14 -32.81
CA THR B 205 28.45 35.91 -32.80
C THR B 205 29.66 35.95 -33.73
N LEU B 206 30.84 36.15 -33.12
CA LEU B 206 32.12 36.30 -33.84
C LEU B 206 32.95 35.01 -33.92
N THR B 207 34.18 35.14 -34.42
CA THR B 207 35.18 34.08 -34.27
C THR B 207 35.95 34.32 -32.96
N LYS B 208 36.66 33.30 -32.47
CA LYS B 208 37.48 33.41 -31.25
C LYS B 208 38.42 34.63 -31.26
N ASP B 209 39.08 34.84 -32.40
CA ASP B 209 40.17 35.80 -32.56
C ASP B 209 39.72 37.20 -32.98
N GLU B 210 38.70 37.27 -33.84
CA GLU B 210 38.09 38.53 -34.25
C GLU B 210 37.44 39.35 -33.11
N TYR B 211 37.24 38.72 -31.95
CA TYR B 211 36.52 39.36 -30.82
C TYR B 211 37.34 40.46 -30.12
N GLU B 212 38.65 40.27 -30.04
CA GLU B 212 39.54 41.23 -29.39
C GLU B 212 40.03 42.35 -30.32
N ARG B 213 39.40 42.44 -31.49
CA ARG B 213 39.62 43.49 -32.49
C ARG B 213 39.45 44.90 -31.92
N HIS B 214 38.39 45.08 -31.12
CA HIS B 214 38.15 46.33 -30.40
C HIS B 214 38.13 46.07 -28.89
N ASN B 215 37.67 47.07 -28.13
CA ASN B 215 37.60 46.95 -26.68
C ASN B 215 36.19 47.15 -26.13
N SER B 216 35.62 48.33 -26.35
CA SER B 216 34.28 48.62 -25.86
C SER B 216 33.21 47.98 -26.74
N TYR B 217 32.20 47.42 -26.09
CA TYR B 217 31.02 46.87 -26.75
C TYR B 217 29.76 47.36 -26.05
N THR B 218 28.69 47.49 -26.81
CA THR B 218 27.37 47.77 -26.22
C THR B 218 26.21 47.40 -27.16
N CYS B 219 24.99 47.51 -26.65
CA CYS B 219 23.81 47.41 -27.50
C CYS B 219 22.79 48.43 -27.03
N GLU B 220 21.95 48.88 -27.95
CA GLU B 220 20.92 49.84 -27.61
C GLU B 220 19.56 49.42 -28.11
N ALA B 221 18.54 49.75 -27.31
CA ALA B 221 17.15 49.68 -27.74
C ALA B 221 16.77 50.99 -28.44
N THR B 222 15.49 51.09 -28.83
CA THR B 222 14.91 52.34 -29.35
C THR B 222 13.40 52.33 -29.09
N HIS B 223 12.96 51.23 -28.48
CA HIS B 223 11.56 50.96 -28.11
C HIS B 223 10.73 52.19 -27.70
N LYS B 224 9.56 52.29 -28.31
CA LYS B 224 8.76 53.50 -28.31
C LYS B 224 7.99 53.76 -27.01
N THR B 225 8.67 53.67 -25.86
CA THR B 225 8.15 54.29 -24.64
C THR B 225 8.63 55.74 -24.62
N SER B 226 9.88 55.91 -25.02
CA SER B 226 10.40 57.13 -25.63
C SER B 226 11.63 56.73 -26.45
N THR B 227 11.72 57.23 -27.68
CA THR B 227 12.81 56.85 -28.59
C THR B 227 14.15 57.48 -28.19
N SER B 228 14.41 57.40 -26.89
CA SER B 228 15.68 57.75 -26.27
C SER B 228 16.43 56.43 -26.03
N PRO B 229 17.31 56.04 -26.98
CA PRO B 229 17.85 54.68 -27.10
C PRO B 229 18.61 54.13 -25.88
N ILE B 230 17.91 53.38 -25.03
CA ILE B 230 18.46 52.73 -23.82
C ILE B 230 19.74 51.93 -24.11
N VAL B 231 20.84 52.35 -23.50
CA VAL B 231 22.17 51.79 -23.74
C VAL B 231 22.73 51.01 -22.54
N LYS B 232 23.41 49.90 -22.80
CA LYS B 232 24.08 49.13 -21.75
C LYS B 232 25.35 48.52 -22.32
N SER B 233 26.47 48.78 -21.66
CA SER B 233 27.81 48.56 -22.23
C SER B 233 28.77 47.77 -21.33
N PHE B 234 29.83 47.25 -21.94
CA PHE B 234 31.01 46.76 -21.23
C PHE B 234 32.25 46.89 -22.12
N ASN B 235 33.43 46.63 -21.58
CA ASN B 235 34.67 46.66 -22.38
C ASN B 235 35.62 45.49 -22.17
N ARG B 236 36.04 44.91 -23.30
CA ARG B 236 36.84 43.69 -23.39
C ARG B 236 37.90 43.50 -22.28
N ASN B 237 39.11 43.97 -22.56
CA ASN B 237 40.33 43.83 -21.72
C ASN B 237 40.30 42.84 -20.52
N GLU B 238 39.53 43.17 -19.48
CA GLU B 238 39.44 42.32 -18.29
C GLU B 238 38.86 40.94 -18.62
N CYS B 239 37.77 40.94 -19.38
CA CYS B 239 36.99 39.74 -19.65
C CYS B 239 36.99 39.35 -21.13
N GLU C 1 -3.08 14.74 -9.16
CA GLU C 1 -4.06 13.62 -9.02
C GLU C 1 -3.88 12.60 -10.14
N VAL C 2 -4.12 13.05 -11.38
CA VAL C 2 -4.05 12.24 -12.59
C VAL C 2 -2.92 12.73 -13.48
N GLN C 3 -2.01 11.83 -13.84
CA GLN C 3 -0.85 12.21 -14.63
C GLN C 3 -0.62 11.35 -15.87
N LEU C 4 0.05 11.98 -16.84
CA LEU C 4 0.56 11.34 -18.04
C LEU C 4 1.92 11.95 -18.39
N VAL C 5 2.89 11.08 -18.64
CA VAL C 5 4.22 11.48 -19.07
C VAL C 5 4.66 10.57 -20.18
N GLU C 6 4.48 11.04 -21.40
CA GLU C 6 4.94 10.30 -22.56
C GLU C 6 6.42 10.58 -22.70
N SER C 7 7.11 9.72 -23.44
CA SER C 7 8.55 9.88 -23.60
C SER C 7 9.16 8.84 -24.53
N GLY C 8 10.45 9.04 -24.82
CA GLY C 8 11.25 8.11 -25.60
C GLY C 8 11.25 8.35 -27.10
N GLY C 9 11.72 9.51 -27.54
CA GLY C 9 11.81 9.77 -28.96
C GLY C 9 12.43 11.09 -29.30
N GLY C 10 13.44 11.06 -30.14
CA GLY C 10 14.06 12.27 -30.68
C GLY C 10 14.10 12.26 -32.19
N LEU C 11 15.29 12.08 -32.75
CA LEU C 11 15.46 12.11 -34.21
C LEU C 11 15.47 10.71 -34.82
N VAL C 12 14.88 10.59 -36.01
CA VAL C 12 14.80 9.32 -36.72
C VAL C 12 14.80 9.58 -38.22
N LYS C 13 15.49 8.70 -38.95
CA LYS C 13 15.65 8.91 -40.38
C LYS C 13 14.37 8.52 -41.13
N PRO C 14 14.10 9.15 -42.30
CA PRO C 14 13.05 8.71 -43.21
C PRO C 14 12.98 7.19 -43.35
N GLY C 15 11.78 6.67 -43.55
CA GLY C 15 11.55 5.22 -43.57
C GLY C 15 11.78 4.58 -42.21
N GLY C 16 12.27 5.37 -41.26
CA GLY C 16 12.67 4.87 -39.95
C GLY C 16 11.60 4.30 -39.03
N SER C 17 12.01 4.02 -37.79
CA SER C 17 11.12 3.46 -36.79
C SER C 17 11.50 3.94 -35.40
N LEU C 18 10.60 3.76 -34.43
CA LEU C 18 10.74 4.32 -33.07
C LEU C 18 9.40 4.30 -32.32
N LYS C 19 9.48 3.91 -31.05
CA LYS C 19 8.30 3.62 -30.22
C LYS C 19 8.25 4.48 -28.94
N LEU C 20 7.12 5.14 -28.71
CA LEU C 20 6.96 6.05 -27.57
C LEU C 20 5.97 5.46 -26.60
N SER C 21 6.18 5.74 -25.33
CA SER C 21 5.31 5.20 -24.30
C SER C 21 4.84 6.30 -23.39
N CYS C 22 3.54 6.33 -23.18
CA CYS C 22 2.96 7.26 -22.24
C CYS C 22 2.89 6.55 -20.92
N ALA C 23 3.68 7.01 -19.96
CA ALA C 23 3.65 6.41 -18.62
C ALA C 23 2.45 6.99 -17.88
N ALA C 24 1.40 6.20 -17.69
CA ALA C 24 0.18 6.73 -17.08
C ALA C 24 0.18 6.53 -15.57
N SER C 25 -0.24 7.55 -14.82
CA SER C 25 -0.23 7.44 -13.36
C SER C 25 -1.17 8.36 -12.57
N GLY C 26 -2.24 7.76 -12.04
CA GLY C 26 -3.06 8.43 -11.04
C GLY C 26 -4.54 8.44 -11.36
N PHE C 27 -4.98 7.44 -12.12
CA PHE C 27 -6.39 7.21 -12.42
C PHE C 27 -6.59 5.74 -12.78
N ALA C 28 -7.83 5.28 -12.70
CA ALA C 28 -8.18 3.90 -13.06
C ALA C 28 -7.83 3.60 -14.53
N PHE C 29 -6.54 3.38 -14.79
CA PHE C 29 -6.08 3.22 -16.15
C PHE C 29 -6.96 2.29 -17.02
N SER C 30 -7.10 1.03 -16.62
CA SER C 30 -7.70 0.01 -17.51
C SER C 30 -9.16 0.28 -17.90
N SER C 31 -9.74 1.31 -17.30
CA SER C 31 -11.12 1.70 -17.55
C SER C 31 -11.33 2.81 -18.63
N TYR C 32 -10.35 3.70 -18.78
CA TYR C 32 -10.44 4.72 -19.82
C TYR C 32 -9.95 4.23 -21.19
N ASP C 33 -10.25 5.00 -22.24
CA ASP C 33 -9.62 4.81 -23.55
C ASP C 33 -8.40 5.72 -23.69
N MET C 34 -7.58 5.46 -24.68
CA MET C 34 -6.40 6.29 -24.85
C MET C 34 -6.20 6.70 -26.29
N SER C 35 -5.61 7.90 -26.45
CA SER C 35 -5.39 8.53 -27.77
C SER C 35 -4.03 9.14 -27.84
N TRP C 36 -3.59 9.42 -29.07
CA TRP C 36 -2.24 9.92 -29.32
C TRP C 36 -2.31 11.06 -30.27
N VAL C 37 -2.19 12.28 -29.77
CA VAL C 37 -2.26 13.45 -30.62
C VAL C 37 -0.86 14.03 -30.81
N ARG C 38 -0.55 14.42 -32.05
CA ARG C 38 0.69 15.13 -32.36
C ARG C 38 0.38 16.57 -32.75
N GLN C 39 1.40 17.42 -32.68
CA GLN C 39 1.23 18.81 -33.10
C GLN C 39 2.35 19.18 -34.03
N THR C 40 2.00 19.59 -35.24
CA THR C 40 3.01 19.84 -36.27
C THR C 40 3.82 21.08 -35.95
N PRO C 41 4.91 21.31 -36.72
CA PRO C 41 5.70 22.53 -36.62
C PRO C 41 4.93 23.79 -36.97
N GLU C 42 3.86 23.66 -37.76
CA GLU C 42 2.98 24.79 -38.04
C GLU C 42 2.11 25.10 -36.81
N LYS C 43 2.20 24.27 -35.77
CA LYS C 43 1.36 24.40 -34.57
C LYS C 43 0.01 23.74 -34.76
N ARG C 44 -0.15 23.15 -35.95
CA ARG C 44 -1.32 22.35 -36.38
C ARG C 44 -1.60 21.17 -35.44
N LEU C 45 -2.84 20.69 -35.37
CA LEU C 45 -3.18 19.60 -34.43
C LEU C 45 -3.84 18.35 -35.03
N GLU C 46 -3.08 17.28 -35.22
CA GLU C 46 -3.66 16.08 -35.81
C GLU C 46 -3.80 14.95 -34.80
N TRP C 47 -4.96 14.30 -34.81
CA TRP C 47 -5.22 13.13 -33.99
C TRP C 47 -4.59 12.00 -34.74
N VAL C 48 -4.04 11.03 -34.02
CA VAL C 48 -3.15 10.05 -34.62
C VAL C 48 -3.55 8.58 -34.39
N ALA C 49 -4.01 8.26 -33.20
CA ALA C 49 -4.41 6.89 -32.90
C ALA C 49 -5.34 6.88 -31.72
N TYR C 50 -6.12 5.80 -31.63
CA TYR C 50 -7.07 5.64 -30.55
C TYR C 50 -7.17 4.19 -30.22
N ILE C 51 -6.87 3.85 -28.97
CA ILE C 51 -7.09 2.48 -28.51
C ILE C 51 -8.25 2.46 -27.51
N SER C 52 -9.06 1.41 -27.58
CA SER C 52 -10.14 1.18 -26.64
C SER C 52 -9.67 0.69 -25.28
N SER C 53 -10.46 1.01 -24.26
CA SER C 53 -10.20 0.66 -22.84
C SER C 53 -9.45 -0.68 -22.64
N GLY C 54 -9.99 -1.74 -23.23
CA GLY C 54 -9.44 -3.08 -23.12
C GLY C 54 -8.69 -3.51 -24.36
N GLY C 55 -7.85 -2.63 -24.91
CA GLY C 55 -7.01 -2.96 -26.06
C GLY C 55 -7.70 -3.60 -27.24
N GLY C 56 -9.03 -3.68 -27.16
CA GLY C 56 -9.85 -4.40 -28.11
C GLY C 56 -9.75 -3.84 -29.51
N SER C 57 -10.39 -2.69 -29.72
CA SER C 57 -10.31 -1.98 -31.00
C SER C 57 -9.25 -0.84 -30.99
N THR C 58 -8.66 -0.57 -32.17
CA THR C 58 -7.82 0.60 -32.35
C THR C 58 -8.35 1.35 -33.54
N TYR C 59 -8.08 2.66 -33.64
CA TYR C 59 -8.44 3.44 -34.84
C TYR C 59 -7.36 4.42 -35.27
N TYR C 60 -7.28 4.72 -36.57
CA TYR C 60 -6.28 5.66 -37.04
C TYR C 60 -6.78 6.48 -38.20
N PRO C 61 -6.33 7.73 -38.29
CA PRO C 61 -6.50 8.46 -39.50
C PRO C 61 -5.82 7.67 -40.61
N ASP C 62 -6.35 7.77 -41.84
CA ASP C 62 -5.70 7.16 -42.99
C ASP C 62 -4.23 7.59 -43.19
N THR C 63 -3.84 8.74 -42.63
CA THR C 63 -2.50 9.27 -42.79
C THR C 63 -1.44 8.53 -42.00
N VAL C 64 -1.84 7.77 -40.99
CA VAL C 64 -0.87 6.84 -40.40
C VAL C 64 -1.35 5.38 -40.39
N LYS C 65 -2.57 5.14 -40.85
CA LYS C 65 -3.09 3.78 -40.84
C LYS C 65 -2.10 2.94 -41.63
N GLY C 66 -1.64 1.87 -41.00
CA GLY C 66 -0.66 0.97 -41.60
C GLY C 66 0.73 1.14 -41.01
N ARG C 67 1.13 2.39 -40.75
CA ARG C 67 2.48 2.70 -40.31
C ARG C 67 2.58 2.87 -38.81
N PHE C 68 1.43 2.90 -38.13
CA PHE C 68 1.35 3.26 -36.70
C PHE C 68 0.49 2.29 -35.85
N THR C 69 0.85 2.11 -34.58
CA THR C 69 0.28 0.99 -33.78
C THR C 69 0.03 1.28 -32.27
N ILE C 70 -1.21 1.59 -31.93
CA ILE C 70 -1.49 2.06 -30.59
C ILE C 70 -1.76 0.90 -29.63
N SER C 71 -0.71 0.36 -29.04
CA SER C 71 -0.88 -0.69 -28.03
C SER C 71 -0.92 -0.10 -26.61
N ARG C 72 -1.38 -0.92 -25.66
CA ARG C 72 -1.34 -0.57 -24.23
C ARG C 72 -1.02 -1.79 -23.38
N ASP C 73 -0.53 -1.55 -22.17
CA ASP C 73 -0.23 -2.59 -21.22
C ASP C 73 -0.62 -2.08 -19.84
N ASN C 74 -1.82 -2.45 -19.42
CA ASN C 74 -2.35 -2.03 -18.11
C ASN C 74 -1.76 -2.87 -16.98
N ALA C 75 -0.74 -3.67 -17.34
CA ALA C 75 0.07 -4.32 -16.35
C ALA C 75 1.03 -3.24 -15.86
N LYS C 76 1.83 -2.71 -16.77
CA LYS C 76 2.75 -1.66 -16.40
C LYS C 76 2.24 -0.25 -16.71
N ASN C 77 0.91 -0.13 -16.83
CA ASN C 77 0.23 1.16 -16.89
C ASN C 77 0.62 2.10 -18.04
N THR C 78 1.42 1.58 -18.96
CA THR C 78 1.90 2.36 -20.10
C THR C 78 0.93 2.29 -21.30
N LEU C 79 0.88 3.39 -22.05
CA LEU C 79 0.28 3.38 -23.39
C LEU C 79 1.45 3.36 -24.35
N TYR C 80 1.25 2.87 -25.56
CA TYR C 80 2.35 2.87 -26.51
C TYR C 80 1.94 3.36 -27.88
N LEU C 81 2.85 4.09 -28.52
CA LEU C 81 2.74 4.30 -29.94
C LEU C 81 4.00 3.80 -30.65
N GLN C 82 3.79 2.80 -31.52
CA GLN C 82 4.90 2.24 -32.28
C GLN C 82 4.86 2.76 -33.72
N MET C 83 5.75 3.71 -34.01
CA MET C 83 5.83 4.35 -35.33
C MET C 83 6.76 3.55 -36.23
N SER C 84 6.33 3.29 -37.47
CA SER C 84 7.22 2.67 -38.46
C SER C 84 7.38 3.60 -39.67
N SER C 85 7.48 3.05 -40.88
CA SER C 85 7.81 3.78 -42.14
C SER C 85 7.77 5.31 -42.08
N LEU C 86 8.71 5.90 -41.33
CA LEU C 86 8.54 7.28 -40.89
C LEU C 86 8.69 8.32 -41.97
N LYS C 87 7.58 8.97 -42.32
CA LYS C 87 7.57 10.16 -43.15
C LYS C 87 8.06 11.38 -42.38
N SER C 88 8.74 12.27 -43.09
CA SER C 88 9.17 13.57 -42.56
C SER C 88 7.99 14.53 -42.32
N GLU C 89 6.80 14.09 -42.71
CA GLU C 89 5.54 14.72 -42.27
C GLU C 89 5.29 14.42 -40.79
N ASP C 90 5.69 13.23 -40.34
CA ASP C 90 5.41 12.77 -38.97
C ASP C 90 6.08 13.63 -37.90
N THR C 91 7.09 14.37 -38.36
CA THR C 91 7.78 15.37 -37.59
C THR C 91 6.80 16.26 -36.80
N ALA C 92 6.63 15.98 -35.50
CA ALA C 92 5.77 16.80 -34.65
C ALA C 92 6.02 16.51 -33.18
N MET C 93 5.34 17.24 -32.31
CA MET C 93 5.31 16.97 -30.86
C MET C 93 4.21 15.96 -30.62
N TYR C 94 4.43 15.00 -29.72
CA TYR C 94 3.50 13.88 -29.55
C TYR C 94 2.77 13.75 -28.21
N TYR C 95 1.54 14.26 -28.12
CA TYR C 95 0.79 14.21 -26.86
C TYR C 95 0.03 12.92 -26.69
N CYS C 96 -0.14 12.51 -25.44
CA CYS C 96 -0.87 11.34 -25.06
C CYS C 96 -2.08 11.84 -24.31
N ALA C 97 -3.27 11.56 -24.82
CA ALA C 97 -4.49 12.15 -24.26
C ALA C 97 -5.52 11.16 -23.68
N ARG C 98 -6.46 11.69 -22.90
CA ARG C 98 -7.46 10.91 -22.22
C ARG C 98 -8.87 11.40 -22.54
N PRO C 99 -9.73 10.51 -23.07
CA PRO C 99 -11.15 10.79 -23.30
C PRO C 99 -12.13 10.00 -22.42
N ASP C 100 -13.40 10.40 -22.40
CA ASP C 100 -14.43 9.83 -21.49
C ASP C 100 -15.35 8.77 -22.13
N ALA C 105 -13.15 13.41 -26.07
CA ALA C 105 -12.99 14.66 -25.31
C ALA C 105 -11.81 14.58 -24.36
N MET C 106 -10.63 14.87 -24.91
CA MET C 106 -9.34 14.77 -24.24
C MET C 106 -9.28 15.65 -23.00
N ASP C 107 -9.35 15.04 -21.82
CA ASP C 107 -9.50 15.84 -20.63
C ASP C 107 -8.25 15.98 -19.77
N TYR C 108 -7.31 15.02 -19.89
CA TYR C 108 -5.96 15.14 -19.31
C TYR C 108 -4.88 14.84 -20.35
N TRP C 109 -4.15 15.88 -20.75
CA TRP C 109 -3.15 15.77 -21.81
C TRP C 109 -1.78 15.64 -21.22
N GLY C 110 -0.87 15.04 -21.98
CA GLY C 110 0.48 14.84 -21.49
C GLY C 110 1.29 16.12 -21.50
N GLN C 111 2.40 16.09 -22.22
CA GLN C 111 3.37 17.16 -22.22
C GLN C 111 4.18 17.11 -23.50
N GLY C 112 4.13 15.94 -24.15
CA GLY C 112 4.81 15.74 -25.42
C GLY C 112 6.16 15.07 -25.38
N THR C 113 6.43 14.27 -26.40
CA THR C 113 7.78 13.96 -26.79
C THR C 113 7.84 14.54 -28.17
N SER C 114 8.79 15.41 -28.41
CA SER C 114 9.05 15.88 -29.75
C SER C 114 9.66 14.73 -30.55
N VAL C 115 9.22 14.57 -31.79
CA VAL C 115 9.82 13.59 -32.68
C VAL C 115 10.08 14.26 -34.02
N THR C 116 11.35 14.32 -34.44
CA THR C 116 11.65 14.84 -35.77
C THR C 116 12.26 13.83 -36.73
N VAL C 117 11.94 14.03 -38.00
CA VAL C 117 12.29 13.11 -39.07
C VAL C 117 12.96 13.94 -40.14
N SER C 118 14.18 13.54 -40.44
CA SER C 118 15.18 14.35 -41.14
C SER C 118 16.35 13.39 -41.39
N SER C 119 17.35 13.84 -42.14
CA SER C 119 18.57 13.04 -42.33
C SER C 119 19.82 13.72 -41.76
N LYS C 121 21.12 13.94 -38.59
CA LYS C 121 22.43 14.42 -38.16
C LYS C 121 22.36 15.14 -36.81
N THR C 122 22.27 14.33 -35.75
CA THR C 122 22.21 14.80 -34.37
C THR C 122 23.48 15.57 -33.96
N THR C 123 23.31 16.57 -33.10
CA THR C 123 24.43 17.39 -32.65
C THR C 123 24.17 17.84 -31.21
N ALA C 124 24.94 17.30 -30.26
CA ALA C 124 24.84 17.70 -28.86
C ALA C 124 25.00 19.20 -28.69
N PRO C 125 24.18 19.83 -27.84
CA PRO C 125 24.27 21.29 -27.72
C PRO C 125 25.41 21.74 -26.82
N SER C 126 26.09 22.80 -27.23
CA SER C 126 27.12 23.42 -26.42
C SER C 126 26.45 24.39 -25.44
N VAL C 127 26.83 24.33 -24.17
CA VAL C 127 26.17 25.11 -23.11
C VAL C 127 27.17 25.96 -22.34
N TYR C 128 27.08 27.26 -22.53
CA TYR C 128 27.98 28.19 -21.84
C TYR C 128 27.19 29.03 -20.84
N PRO C 129 27.73 29.21 -19.63
CA PRO C 129 27.04 30.04 -18.64
C PRO C 129 27.30 31.52 -18.89
N LEU C 130 26.30 32.36 -18.66
CA LEU C 130 26.44 33.79 -18.88
C LEU C 130 26.50 34.59 -17.56
N ALA C 131 27.72 34.87 -17.11
CA ALA C 131 27.94 35.71 -15.93
C ALA C 131 27.89 37.20 -16.32
N PRO C 132 27.32 38.07 -15.45
CA PRO C 132 27.20 39.49 -15.82
C PRO C 132 28.54 40.23 -15.93
N VAL C 133 28.49 41.52 -16.27
CA VAL C 133 29.69 42.39 -16.31
C VAL C 133 30.66 42.10 -15.16
N CYS C 134 31.94 41.82 -15.46
CA CYS C 134 32.92 41.52 -14.38
C CYS C 134 33.20 42.68 -13.42
N GLY C 135 32.66 43.84 -13.75
CA GLY C 135 32.61 44.99 -12.85
C GLY C 135 31.76 44.67 -11.64
N ASP C 136 32.22 45.13 -10.48
CA ASP C 136 31.55 44.85 -9.20
C ASP C 136 30.27 45.66 -9.06
N THR C 137 30.17 46.70 -9.90
CA THR C 137 28.97 47.55 -10.06
C THR C 137 27.65 46.85 -9.74
N THR C 138 27.25 46.92 -8.48
CA THR C 138 26.00 46.33 -8.03
C THR C 138 24.81 47.24 -8.41
N GLY C 139 23.84 46.65 -9.10
CA GLY C 139 22.56 47.28 -9.38
C GLY C 139 21.61 46.90 -8.25
N SER C 140 20.52 46.21 -8.59
CA SER C 140 19.56 45.78 -7.58
C SER C 140 18.97 44.40 -7.89
N SER C 141 18.45 44.26 -9.11
CA SER C 141 17.84 43.04 -9.60
C SER C 141 18.79 42.44 -10.63
N VAL C 142 19.68 41.58 -10.13
CA VAL C 142 20.72 40.94 -10.94
C VAL C 142 20.14 39.91 -11.89
N THR C 143 20.43 40.05 -13.18
CA THR C 143 20.01 39.04 -14.15
C THR C 143 21.25 38.29 -14.68
N LEU C 144 21.16 36.97 -14.71
CA LEU C 144 22.22 36.13 -15.25
C LEU C 144 21.64 35.41 -16.44
N GLY C 145 22.49 34.75 -17.21
CA GLY C 145 22.05 34.03 -18.40
C GLY C 145 22.62 32.64 -18.56
N CYS C 146 22.07 31.93 -19.54
CA CYS C 146 22.58 30.64 -19.99
C CYS C 146 22.48 30.62 -21.51
N LEU C 147 23.56 30.20 -22.19
CA LEU C 147 23.55 30.19 -23.66
C LEU C 147 23.80 28.81 -24.25
N VAL C 148 22.96 28.44 -25.23
CA VAL C 148 22.91 27.10 -25.82
C VAL C 148 23.02 27.16 -27.36
N LYS C 149 24.04 26.52 -27.89
CA LYS C 149 24.49 26.83 -29.23
C LYS C 149 24.97 25.61 -30.00
N GLY C 150 24.67 25.61 -31.30
CA GLY C 150 25.15 24.59 -32.24
C GLY C 150 24.59 23.22 -31.92
N TYR C 151 23.27 23.07 -32.07
CA TYR C 151 22.63 21.77 -31.86
C TYR C 151 21.60 21.42 -32.92
N PHE C 152 21.31 20.12 -32.99
CA PHE C 152 20.22 19.58 -33.78
C PHE C 152 19.72 18.31 -33.12
N PRO C 153 18.40 18.11 -33.11
CA PRO C 153 17.39 19.07 -33.53
C PRO C 153 16.73 19.72 -32.34
N GLU C 154 15.73 20.56 -32.60
CA GLU C 154 14.79 21.00 -31.58
C GLU C 154 14.13 19.74 -30.99
N PRO C 155 13.70 19.82 -29.72
CA PRO C 155 13.82 20.93 -28.80
C PRO C 155 15.02 20.73 -27.89
N VAL C 156 15.26 21.68 -27.00
CA VAL C 156 16.07 21.40 -25.81
C VAL C 156 15.17 21.61 -24.59
N THR C 157 15.69 21.35 -23.40
CA THR C 157 14.95 21.62 -22.16
C THR C 157 15.83 22.32 -21.13
N LEU C 158 15.67 23.66 -21.06
CA LEU C 158 16.47 24.49 -20.19
C LEU C 158 15.74 24.77 -18.89
N THR C 159 16.37 24.39 -17.78
CA THR C 159 15.79 24.57 -16.45
C THR C 159 16.77 25.32 -15.53
N TRP C 160 16.28 26.36 -14.88
CA TRP C 160 17.06 27.04 -13.85
C TRP C 160 16.89 26.36 -12.50
N ASN C 161 18.03 25.96 -11.93
CA ASN C 161 18.08 25.28 -10.63
C ASN C 161 17.07 24.15 -10.44
N SER C 162 17.18 23.11 -11.27
CA SER C 162 16.36 21.89 -11.18
C SER C 162 14.86 22.20 -11.14
N GLY C 163 14.44 23.20 -11.92
CA GLY C 163 13.05 23.63 -11.99
C GLY C 163 12.62 24.56 -10.87
N SER C 164 13.47 24.72 -9.86
CA SER C 164 13.15 25.53 -8.68
C SER C 164 13.15 27.03 -8.96
N LEU C 165 14.08 27.47 -9.81
CA LEU C 165 14.04 28.85 -10.32
C LEU C 165 13.15 28.83 -11.57
N SER C 166 11.88 29.15 -11.34
CA SER C 166 10.88 29.10 -12.40
C SER C 166 10.21 30.45 -12.55
N SER C 167 10.09 31.19 -11.44
CA SER C 167 9.47 32.53 -11.48
C SER C 167 10.47 33.67 -11.76
N GLY C 168 10.41 34.17 -13.00
CA GLY C 168 11.25 35.29 -13.42
C GLY C 168 12.34 34.88 -14.39
N VAL C 169 11.95 34.28 -15.50
CA VAL C 169 12.92 33.76 -16.47
C VAL C 169 12.39 33.78 -17.91
N HIS C 170 13.23 34.14 -18.88
CA HIS C 170 12.85 34.13 -20.30
C HIS C 170 13.72 33.21 -21.15
N THR C 171 13.09 32.36 -21.97
CA THR C 171 13.83 31.42 -22.82
C THR C 171 13.46 31.53 -24.30
N PHE C 172 14.35 32.17 -25.04
CA PHE C 172 14.04 32.70 -26.37
C PHE C 172 14.12 31.67 -27.50
N PRO C 173 13.10 31.64 -28.36
CA PRO C 173 12.94 30.71 -29.48
C PRO C 173 14.21 30.46 -30.29
N ALA C 174 14.76 29.25 -30.21
CA ALA C 174 15.98 28.90 -30.96
C ALA C 174 15.87 29.30 -32.43
N VAL C 175 16.97 29.76 -33.02
CA VAL C 175 16.94 30.15 -34.43
C VAL C 175 17.72 29.17 -35.33
N LEU C 176 17.55 29.36 -36.63
CA LEU C 176 17.97 28.39 -37.64
C LEU C 176 19.13 28.86 -38.51
N GLN C 177 20.17 29.45 -37.89
CA GLN C 177 21.41 29.69 -38.64
C GLN C 177 22.01 28.35 -39.08
N SER C 178 22.49 28.31 -40.32
CA SER C 178 23.03 27.09 -40.94
C SER C 178 22.00 25.94 -40.95
N ASP C 179 22.18 25.02 -40.01
CA ASP C 179 21.27 23.91 -39.70
C ASP C 179 21.64 23.44 -38.30
N LEU C 180 21.95 24.43 -37.47
CA LEU C 180 22.16 24.28 -36.04
C LEU C 180 21.30 25.32 -35.32
N TYR C 181 20.65 24.93 -34.24
CA TYR C 181 19.76 25.84 -33.56
C TYR C 181 20.54 26.48 -32.45
N THR C 182 20.22 27.73 -32.14
CA THR C 182 20.91 28.43 -31.05
C THR C 182 19.96 29.29 -30.21
N LEU C 183 20.02 29.11 -28.89
CA LEU C 183 19.01 29.60 -27.95
C LEU C 183 19.57 30.13 -26.62
N SER C 184 18.99 31.23 -26.15
CA SER C 184 19.49 31.98 -24.99
C SER C 184 18.56 31.84 -23.80
N SER C 185 19.03 32.14 -22.59
CA SER C 185 18.17 32.11 -21.39
C SER C 185 18.46 33.14 -20.28
N SER C 186 17.56 34.10 -20.11
CA SER C 186 17.71 35.08 -19.05
C SER C 186 16.93 34.63 -17.85
N VAL C 187 17.43 34.99 -16.67
CA VAL C 187 16.72 34.80 -15.41
C VAL C 187 17.11 35.96 -14.48
N THR C 188 16.15 36.79 -14.11
CA THR C 188 16.41 37.89 -13.18
C THR C 188 16.47 37.32 -11.77
N VAL C 189 16.98 38.08 -10.81
CA VAL C 189 16.73 37.79 -9.40
C VAL C 189 17.45 38.77 -8.44
N THR C 190 16.84 39.00 -7.28
CA THR C 190 17.39 39.87 -6.25
C THR C 190 18.86 39.66 -6.01
N SER C 191 19.57 40.76 -5.77
CA SER C 191 21.01 40.73 -5.51
C SER C 191 21.27 39.99 -4.22
N SER C 192 20.26 39.97 -3.35
CA SER C 192 20.36 39.21 -2.14
C SER C 192 20.46 37.71 -2.44
N THR C 193 19.63 37.26 -3.38
CA THR C 193 19.59 35.83 -3.74
C THR C 193 20.77 35.33 -4.60
N TRP C 194 21.39 36.18 -5.42
CA TRP C 194 22.60 35.69 -6.12
C TRP C 194 23.85 35.69 -5.26
N PRO C 195 25.03 35.98 -5.85
CA PRO C 195 26.31 35.26 -5.63
C PRO C 195 26.32 34.30 -4.43
N SER C 196 25.98 34.80 -3.25
CA SER C 196 25.82 34.00 -2.03
C SER C 196 25.16 32.67 -2.32
N GLN C 197 23.90 32.73 -2.70
CA GLN C 197 23.10 31.56 -3.01
C GLN C 197 23.42 31.13 -4.44
N SER C 198 23.57 29.84 -4.67
CA SER C 198 23.93 29.31 -5.99
C SER C 198 22.75 29.32 -6.95
N ILE C 199 23.05 29.47 -8.24
CA ILE C 199 22.07 29.44 -9.33
C ILE C 199 22.72 28.78 -10.52
N THR C 200 22.19 27.65 -10.95
CA THR C 200 22.77 26.95 -12.10
C THR C 200 21.74 26.72 -13.21
N CYS C 201 22.26 26.69 -14.43
CA CYS C 201 21.51 26.38 -15.64
C CYS C 201 21.60 24.88 -15.93
N ASN C 202 20.45 24.20 -16.00
CA ASN C 202 20.40 22.81 -16.47
C ASN C 202 19.82 22.73 -17.90
N VAL C 203 20.54 22.07 -18.81
CA VAL C 203 20.07 21.93 -20.18
C VAL C 203 19.93 20.45 -20.56
N ALA C 204 18.78 20.10 -21.13
CA ALA C 204 18.54 18.72 -21.56
C ALA C 204 18.25 18.62 -23.05
N HIS C 205 19.18 18.05 -23.78
CA HIS C 205 18.93 17.67 -25.16
C HIS C 205 18.46 16.22 -25.12
N PRO C 206 17.20 15.98 -25.51
CA PRO C 206 16.63 14.64 -25.48
C PRO C 206 17.00 13.89 -26.75
N ALA C 207 16.85 14.58 -27.87
CA ALA C 207 17.15 14.02 -29.19
C ALA C 207 18.62 13.62 -29.38
N SER C 208 19.42 13.72 -28.30
CA SER C 208 20.83 13.25 -28.26
C SER C 208 21.31 12.64 -26.93
N SER C 209 20.46 12.67 -25.91
CA SER C 209 20.87 12.36 -24.54
C SER C 209 22.03 13.25 -24.11
N THR C 210 21.71 14.34 -23.42
CA THR C 210 22.70 15.30 -22.96
C THR C 210 22.16 15.97 -21.70
N LYS C 211 22.79 15.71 -20.57
CA LYS C 211 22.38 16.36 -19.31
C LYS C 211 23.44 17.34 -18.83
N VAL C 212 23.74 18.34 -19.66
CA VAL C 212 24.74 19.34 -19.35
C VAL C 212 24.30 20.30 -18.25
N ASP C 213 25.10 20.37 -17.19
CA ASP C 213 24.88 21.29 -16.08
C ASP C 213 25.92 22.38 -16.11
N LYS C 214 25.48 23.64 -15.97
CA LYS C 214 26.39 24.79 -15.95
C LYS C 214 26.07 25.68 -14.79
N LYS C 215 26.97 25.74 -13.82
CA LYS C 215 26.78 26.64 -12.65
C LYS C 215 27.28 28.05 -12.99
N ILE C 216 26.47 29.07 -12.68
CA ILE C 216 26.84 30.45 -13.04
C ILE C 216 27.79 31.05 -12.01
N GLU C 217 29.04 31.16 -12.42
CA GLU C 217 30.11 31.71 -11.62
C GLU C 217 30.30 33.18 -11.93
N PRO C 218 30.64 33.99 -10.91
CA PRO C 218 31.13 35.34 -11.15
C PRO C 218 32.41 35.34 -12.00
N ARG C 219 33.21 36.40 -11.93
CA ARG C 219 34.32 36.51 -12.87
C ARG C 219 35.67 36.89 -12.26
N GLY C 220 36.40 35.88 -11.80
CA GLY C 220 37.77 36.01 -11.32
C GLY C 220 38.78 35.99 -12.48
N PRO C 221 40.01 36.48 -12.22
CA PRO C 221 41.01 36.53 -13.29
C PRO C 221 42.04 35.40 -13.20
N GLN D 10 -27.61 -63.31 52.66
CA GLN D 10 -28.56 -62.21 52.34
C GLN D 10 -29.29 -61.72 53.60
N GLY D 11 -28.53 -61.62 54.68
CA GLY D 11 -29.04 -61.15 55.96
C GLY D 11 -27.89 -61.13 56.93
N ARG D 12 -28.15 -60.61 58.13
CA ARG D 12 -27.17 -60.34 59.21
C ARG D 12 -25.66 -60.48 58.88
N GLY D 13 -25.21 -61.68 58.56
CA GLY D 13 -23.81 -61.91 58.23
C GLY D 13 -23.37 -61.25 56.93
N ALA D 14 -24.11 -61.51 55.86
CA ALA D 14 -23.84 -60.91 54.54
C ALA D 14 -23.61 -59.39 54.64
N TRP D 15 -24.17 -58.80 55.69
CA TRP D 15 -24.02 -57.38 55.96
C TRP D 15 -22.99 -57.11 57.05
N LEU D 16 -23.00 -57.90 58.13
CA LEU D 16 -22.05 -57.76 59.25
C LEU D 16 -20.59 -58.10 58.89
N LEU D 17 -20.43 -58.93 57.87
CA LEU D 17 -19.15 -59.22 57.25
C LEU D 17 -18.61 -57.89 56.74
N MET D 18 -19.50 -57.14 56.09
CA MET D 18 -19.20 -55.83 55.53
C MET D 18 -18.91 -54.77 56.58
N ALA D 19 -19.93 -54.33 57.32
CA ALA D 19 -19.77 -53.33 58.38
C ALA D 19 -18.47 -53.55 59.16
N PHE D 20 -18.09 -54.81 59.28
CA PHE D 20 -16.83 -55.20 59.91
C PHE D 20 -15.59 -54.93 59.03
N THR D 21 -15.66 -55.26 57.74
CA THR D 21 -14.51 -55.08 56.84
C THR D 21 -14.07 -53.62 56.65
N ALA D 22 -15.04 -52.71 56.66
CA ALA D 22 -14.76 -51.27 56.53
C ALA D 22 -14.18 -50.68 57.83
N LEU D 23 -14.59 -51.22 58.97
CA LEU D 23 -13.94 -50.89 60.25
C LEU D 23 -12.60 -51.58 60.39
N ALA D 24 -12.44 -52.72 59.73
CA ALA D 24 -11.15 -53.40 59.56
C ALA D 24 -10.26 -52.54 58.67
N LEU D 25 -10.88 -51.72 57.82
CA LEU D 25 -10.18 -50.76 56.97
C LEU D 25 -9.85 -49.48 57.73
N GLU D 26 -10.80 -48.98 58.51
CA GLU D 26 -10.59 -47.74 59.26
C GLU D 26 -9.80 -47.98 60.56
N LEU D 27 -9.56 -49.25 60.85
CA LEU D 27 -8.58 -49.68 61.86
C LEU D 27 -7.17 -49.57 61.28
N THR D 28 -6.97 -50.16 60.10
CA THR D 28 -5.73 -50.04 59.33
C THR D 28 -5.39 -48.57 59.06
N ALA D 29 -6.44 -47.74 59.01
CA ALA D 29 -6.30 -46.30 58.81
C ALA D 29 -5.77 -45.60 60.07
N LEU D 30 -6.50 -45.73 61.18
CA LEU D 30 -6.10 -45.14 62.46
C LEU D 30 -4.73 -45.65 62.95
N TRP D 31 -4.33 -46.83 62.46
CA TRP D 31 -3.02 -47.41 62.73
C TRP D 31 -1.92 -46.50 62.20
N PHE D 32 -2.06 -46.09 60.93
CA PHE D 32 -1.11 -45.20 60.28
C PHE D 32 -1.33 -43.73 60.62
N GLN D 33 -2.43 -43.43 61.31
CA GLN D 33 -2.66 -42.11 61.88
C GLN D 33 -1.77 -41.92 63.11
N HIS D 34 -1.64 -42.97 63.92
CA HIS D 34 -0.96 -42.88 65.21
C HIS D 34 0.26 -43.79 65.42
N VAL D 35 0.06 -45.10 65.37
CA VAL D 35 1.09 -46.05 65.82
C VAL D 35 2.43 -45.94 65.06
N MET D 36 2.34 -45.53 63.79
CA MET D 36 3.52 -45.34 62.93
C MET D 36 4.04 -43.90 62.96
N LEU D 37 3.11 -42.95 62.79
CA LEU D 37 3.37 -41.50 62.86
C LEU D 37 4.51 -41.04 61.91
N LEU D 38 4.23 -40.80 60.62
CA LEU D 38 2.93 -40.94 59.91
C LEU D 38 1.77 -40.05 60.37
N LYS D 39 1.59 -38.92 59.67
CA LYS D 39 0.70 -37.85 60.13
C LYS D 39 -0.46 -37.42 59.18
N PRO D 40 -0.64 -38.11 58.03
CA PRO D 40 -1.47 -37.57 56.93
C PRO D 40 -2.93 -37.25 57.27
N SER D 41 -3.52 -36.34 56.49
CA SER D 41 -4.94 -35.95 56.64
C SER D 41 -5.57 -35.27 55.40
N VAL D 42 -4.85 -34.34 54.77
CA VAL D 42 -5.30 -33.60 53.57
C VAL D 42 -6.83 -33.44 53.46
N LEU D 43 -7.38 -33.82 52.30
CA LEU D 43 -8.80 -34.10 52.10
C LEU D 43 -9.19 -35.31 52.95
N CYS D 44 -8.44 -36.40 52.77
CA CYS D 44 -8.81 -37.77 53.13
C CYS D 44 -9.57 -38.00 54.46
N ILE D 45 -9.45 -37.08 55.42
CA ILE D 45 -10.33 -37.11 56.60
C ILE D 45 -11.79 -36.97 56.17
N TYR D 46 -12.01 -36.23 55.06
CA TYR D 46 -13.29 -36.19 54.34
C TYR D 46 -13.66 -37.57 53.81
N GLU D 47 -12.63 -38.31 53.37
CA GLU D 47 -12.78 -39.67 52.83
C GLU D 47 -12.92 -40.71 53.94
N ARG D 48 -12.43 -40.37 55.14
CA ARG D 48 -12.67 -41.16 56.34
C ARG D 48 -14.15 -41.18 56.64
N VAL D 49 -14.72 -39.98 56.72
CA VAL D 49 -16.16 -39.78 56.93
C VAL D 49 -17.00 -40.32 55.74
N ALA D 50 -16.32 -40.71 54.66
CA ALA D 50 -16.99 -41.45 53.58
C ALA D 50 -16.72 -42.96 53.69
N LEU D 51 -16.29 -43.39 54.87
CA LEU D 51 -16.19 -44.81 55.23
C LEU D 51 -16.97 -45.12 56.51
N PHE D 52 -16.88 -44.24 57.50
CA PHE D 52 -17.83 -44.24 58.62
C PHE D 52 -19.24 -44.14 58.03
N GLY D 53 -19.27 -43.96 56.71
CA GLY D 53 -20.47 -43.95 55.92
C GLY D 53 -20.78 -45.32 55.38
N VAL D 54 -19.75 -46.16 55.23
CA VAL D 54 -20.02 -47.57 54.95
C VAL D 54 -20.02 -48.36 56.27
N LEU D 55 -19.90 -47.62 57.37
CA LEU D 55 -20.33 -48.14 58.67
C LEU D 55 -21.85 -48.27 58.63
N GLY D 56 -22.54 -47.15 58.87
CA GLY D 56 -23.99 -47.11 58.80
C GLY D 56 -24.50 -48.03 57.73
N ALA D 57 -24.17 -47.72 56.48
CA ALA D 57 -24.64 -48.44 55.30
C ALA D 57 -24.92 -49.93 55.50
N ALA D 58 -23.83 -50.70 55.69
CA ALA D 58 -23.90 -52.15 55.89
C ALA D 58 -24.39 -52.47 57.29
N LEU D 59 -23.98 -51.66 58.26
CA LEU D 59 -24.34 -51.84 59.66
C LEU D 59 -25.81 -51.52 59.91
N ILE D 60 -26.44 -50.79 58.98
CA ILE D 60 -27.89 -50.64 58.95
C ILE D 60 -28.47 -51.85 58.23
N GLY D 61 -27.86 -52.20 57.11
CA GLY D 61 -28.24 -53.42 56.38
C GLY D 61 -28.08 -54.66 57.23
N ALA D 62 -27.24 -54.55 58.26
CA ALA D 62 -27.09 -55.59 59.27
C ALA D 62 -28.19 -55.46 60.31
N ILE D 63 -28.17 -54.37 61.07
CA ILE D 63 -29.08 -54.22 62.21
C ILE D 63 -30.54 -54.33 61.79
N ALA D 64 -31.08 -55.54 61.97
CA ALA D 64 -32.45 -55.92 61.60
C ALA D 64 -32.68 -56.01 60.07
N PRO D 65 -31.99 -56.96 59.39
CA PRO D 65 -31.82 -57.09 57.93
C PRO D 65 -32.80 -56.37 56.97
N LYS D 66 -34.13 -56.51 57.08
CA LYS D 66 -34.87 -57.65 57.60
C LYS D 66 -35.83 -58.03 56.47
N THR D 67 -36.45 -57.01 55.87
CA THR D 67 -37.13 -57.14 54.57
C THR D 67 -37.25 -55.79 53.84
N PRO D 68 -37.48 -54.69 54.59
CA PRO D 68 -37.54 -53.42 53.86
C PRO D 68 -36.37 -52.44 54.16
N LEU D 69 -35.76 -52.53 55.33
CA LEU D 69 -34.57 -51.75 55.68
C LEU D 69 -33.32 -52.26 54.94
N ARG D 70 -33.54 -53.20 54.02
CA ARG D 70 -32.52 -53.68 53.09
C ARG D 70 -32.21 -52.56 52.12
N TYR D 71 -33.27 -51.86 51.67
CA TYR D 71 -33.18 -50.73 50.76
C TYR D 71 -32.34 -49.60 51.34
N VAL D 72 -32.80 -49.02 52.46
CA VAL D 72 -32.10 -47.94 53.17
C VAL D 72 -30.61 -48.21 53.31
N ALA D 73 -30.29 -49.46 53.61
CA ALA D 73 -28.91 -49.92 53.75
C ALA D 73 -28.11 -49.82 52.48
N MET D 74 -28.76 -50.13 51.35
CA MET D 74 -28.11 -50.21 50.04
C MET D 74 -27.77 -48.84 49.48
N VAL D 75 -28.67 -47.89 49.70
CA VAL D 75 -28.48 -46.54 49.19
C VAL D 75 -27.36 -45.84 49.97
N ILE D 76 -27.53 -45.63 51.27
CA ILE D 76 -26.50 -44.98 52.07
C ILE D 76 -25.20 -45.81 52.10
N TRP D 77 -25.13 -46.77 51.17
CA TRP D 77 -23.96 -47.64 50.91
C TRP D 77 -23.45 -47.22 49.55
N LEU D 78 -24.32 -47.38 48.55
CA LEU D 78 -24.15 -46.77 47.24
C LEU D 78 -23.52 -45.38 47.32
N TYR D 79 -24.03 -44.55 48.22
CA TYR D 79 -23.61 -43.17 48.33
C TYR D 79 -22.22 -43.10 48.90
N SER D 80 -22.07 -43.45 50.16
CA SER D 80 -20.75 -43.36 50.79
C SER D 80 -19.64 -43.89 49.87
N ALA D 81 -19.97 -44.94 49.12
CA ALA D 81 -19.06 -45.52 48.15
C ALA D 81 -18.79 -44.52 47.02
N PHE D 82 -19.86 -44.07 46.38
CA PHE D 82 -19.79 -43.07 45.31
C PHE D 82 -19.04 -41.81 45.74
N ARG D 83 -19.35 -41.30 46.93
CA ARG D 83 -18.63 -40.16 47.46
C ARG D 83 -17.17 -40.53 47.66
N GLY D 84 -16.94 -41.75 48.14
CA GLY D 84 -15.58 -42.23 48.35
C GLY D 84 -14.73 -42.19 47.10
N VAL D 85 -15.21 -42.88 46.07
CA VAL D 85 -14.54 -42.94 44.76
C VAL D 85 -14.05 -41.56 44.32
N GLN D 86 -14.99 -40.64 44.10
CA GLN D 86 -14.71 -39.34 43.50
C GLN D 86 -13.75 -38.44 44.31
N LEU D 87 -13.97 -38.36 45.63
CA LEU D 87 -13.04 -37.66 46.50
C LEU D 87 -11.67 -38.28 46.33
N THR D 88 -11.56 -39.58 46.64
CA THR D 88 -10.32 -40.33 46.50
C THR D 88 -9.73 -40.27 45.10
N TYR D 89 -10.59 -40.14 44.10
CA TYR D 89 -10.16 -40.05 42.71
C TYR D 89 -9.38 -38.79 42.47
N GLU D 90 -10.03 -37.65 42.67
CA GLU D 90 -9.41 -36.37 42.40
C GLU D 90 -8.25 -36.12 43.36
N HIS D 91 -8.26 -36.78 44.50
CA HIS D 91 -7.11 -36.81 45.40
C HIS D 91 -5.92 -37.47 44.70
N THR D 92 -6.21 -38.50 43.92
CA THR D 92 -5.18 -39.18 43.13
C THR D 92 -4.72 -38.25 42.00
N MET D 93 -5.67 -37.56 41.36
CA MET D 93 -5.34 -36.51 40.37
C MET D 93 -4.34 -35.53 40.96
N LEU D 94 -4.61 -35.09 42.19
CA LEU D 94 -3.78 -34.12 42.90
C LEU D 94 -2.40 -34.68 43.24
N GLN D 95 -2.30 -36.01 43.27
CA GLN D 95 -1.03 -36.65 43.57
C GLN D 95 -0.22 -36.92 42.31
N LEU D 96 -0.90 -37.19 41.20
CA LEU D 96 -0.22 -37.58 39.96
C LEU D 96 -0.10 -36.45 38.93
N TYR D 97 -0.90 -35.40 39.10
CA TYR D 97 -0.90 -34.29 38.16
C TYR D 97 -1.15 -32.97 38.88
N PRO D 98 -0.31 -32.63 39.89
CA PRO D 98 -0.63 -31.43 40.67
C PRO D 98 -0.67 -30.19 39.78
N SER D 99 -1.56 -29.26 40.11
CA SER D 99 -1.70 -28.02 39.36
C SER D 99 -0.39 -27.24 39.36
N PRO D 100 -0.25 -26.24 38.46
CA PRO D 100 0.89 -25.34 38.53
C PRO D 100 0.88 -24.49 39.79
N PHE D 101 -0.05 -24.74 40.70
CA PHE D 101 -0.28 -23.87 41.85
C PHE D 101 -0.08 -24.56 43.21
N ALA D 102 -0.81 -25.65 43.44
CA ALA D 102 -0.83 -26.38 44.73
C ALA D 102 -1.51 -25.58 45.86
N THR D 103 -1.96 -26.29 46.90
CA THR D 103 -2.64 -25.64 48.02
C THR D 103 -2.30 -26.30 49.37
N CYS D 104 -2.72 -27.56 49.53
CA CYS D 104 -2.49 -28.37 50.76
C CYS D 104 -3.11 -27.71 52.01
N ASP D 105 -4.37 -27.28 51.89
CA ASP D 105 -5.05 -26.50 52.94
C ASP D 105 -5.55 -27.34 54.14
N PHE D 106 -6.16 -26.65 55.11
CA PHE D 106 -6.69 -27.28 56.35
C PHE D 106 -8.11 -26.75 56.67
N MET D 107 -8.89 -27.54 57.44
CA MET D 107 -10.21 -27.14 58.03
C MET D 107 -11.31 -28.23 58.07
N VAL D 108 -12.55 -27.80 58.31
CA VAL D 108 -13.74 -28.67 58.35
C VAL D 108 -13.96 -29.37 57.00
N LEU D 114 -24.56 -28.87 61.47
CA LEU D 114 -23.75 -29.60 62.42
C LEU D 114 -22.34 -29.00 62.58
N PRO D 115 -21.78 -29.09 63.80
CA PRO D 115 -20.34 -28.93 64.04
C PRO D 115 -19.55 -30.20 63.64
N LEU D 116 -18.55 -30.03 62.77
CA LEU D 116 -17.75 -31.14 62.22
C LEU D 116 -16.54 -31.53 63.10
N ASP D 117 -15.47 -30.73 63.02
CA ASP D 117 -14.30 -30.86 63.88
C ASP D 117 -14.65 -30.98 65.35
N LYS D 118 -15.82 -30.44 65.69
CA LYS D 118 -16.16 -30.00 67.04
C LYS D 118 -16.54 -31.11 68.02
N TRP D 119 -17.49 -31.96 67.66
CA TRP D 119 -17.96 -32.98 68.60
C TRP D 119 -17.10 -34.25 68.69
N VAL D 120 -15.99 -34.30 67.95
CA VAL D 120 -14.96 -35.35 68.10
C VAL D 120 -13.53 -34.80 67.96
N PRO D 121 -12.66 -35.07 68.96
CA PRO D 121 -11.26 -34.61 68.94
C PRO D 121 -10.28 -35.48 68.13
N GLN D 122 -9.72 -36.50 68.78
CA GLN D 122 -8.61 -37.29 68.24
C GLN D 122 -8.71 -37.63 66.74
N VAL D 123 -9.79 -38.33 66.34
CA VAL D 123 -9.93 -38.77 64.96
C VAL D 123 -10.66 -37.75 64.08
N PHE D 124 -11.21 -36.70 64.69
CA PHE D 124 -11.79 -35.59 63.93
C PHE D 124 -10.93 -34.33 64.03
N VAL D 125 -9.79 -34.38 63.35
CA VAL D 125 -8.80 -33.30 63.24
C VAL D 125 -7.79 -33.65 62.11
N ALA D 126 -7.26 -32.61 61.45
CA ALA D 126 -6.37 -32.79 60.31
C ALA D 126 -5.05 -32.02 60.48
N SER D 127 -3.92 -32.70 60.26
CA SER D 127 -2.60 -32.05 60.28
C SER D 127 -1.59 -32.67 59.31
N GLY D 128 -1.32 -31.94 58.21
CA GLY D 128 -0.38 -32.36 57.17
C GLY D 128 0.42 -31.19 56.61
N ASP D 129 1.70 -31.13 56.96
CA ASP D 129 2.59 -29.99 56.67
C ASP D 129 2.89 -29.75 55.18
N CYS D 130 3.11 -30.84 54.44
CA CYS D 130 3.49 -30.81 53.02
C CYS D 130 4.98 -30.48 52.76
N ALA D 131 5.85 -31.34 53.27
CA ALA D 131 7.26 -31.41 52.88
C ALA D 131 7.45 -32.77 52.25
N GLU D 132 7.13 -32.84 50.95
CA GLU D 132 6.80 -34.11 50.28
C GLU D 132 7.98 -35.02 49.89
N ARG D 133 8.17 -36.08 50.66
CA ARG D 133 9.13 -37.16 50.39
C ARG D 133 8.52 -38.49 50.84
N GLN D 134 8.47 -39.49 49.95
CA GLN D 134 7.58 -40.65 50.14
C GLN D 134 8.14 -42.09 50.01
N TRP D 135 7.48 -43.00 50.73
CA TRP D 135 7.57 -44.46 50.52
C TRP D 135 6.21 -45.15 50.71
N ASP D 136 5.61 -45.57 49.59
CA ASP D 136 4.29 -46.21 49.56
C ASP D 136 4.38 -47.67 49.11
N PHE D 137 3.64 -48.55 49.79
CA PHE D 137 3.66 -49.99 49.49
C PHE D 137 3.16 -50.30 48.08
N LEU D 138 3.75 -51.36 47.49
CA LEU D 138 3.71 -51.65 46.03
C LEU D 138 3.99 -50.43 45.13
N GLY D 139 4.79 -49.48 45.63
CA GLY D 139 5.13 -48.24 44.92
C GLY D 139 3.93 -47.38 44.54
N LEU D 140 2.75 -47.81 44.99
CA LEU D 140 1.48 -47.14 44.67
C LEU D 140 0.97 -46.33 45.85
N GLU D 141 0.48 -45.13 45.52
CA GLU D 141 -0.04 -44.16 46.50
C GLU D 141 -1.24 -44.73 47.24
N MET D 142 -1.29 -44.50 48.55
CA MET D 142 -2.38 -45.04 49.39
C MET D 142 -3.77 -44.50 49.03
N PRO D 143 -3.89 -43.21 48.67
CA PRO D 143 -5.19 -42.75 48.22
C PRO D 143 -5.47 -43.21 46.79
N GLN D 144 -4.53 -43.97 46.23
CA GLN D 144 -4.66 -44.56 44.90
C GLN D 144 -5.08 -46.02 45.06
N TRP D 145 -4.69 -46.64 46.17
CA TRP D 145 -5.27 -47.90 46.60
C TRP D 145 -6.77 -47.68 46.89
N LEU D 146 -7.04 -46.76 47.83
CA LEU D 146 -8.40 -46.42 48.26
C LEU D 146 -9.36 -46.17 47.12
N LEU D 147 -8.97 -45.27 46.21
CA LEU D 147 -9.75 -44.97 45.00
C LEU D 147 -10.10 -46.24 44.24
N GLY D 148 -9.29 -47.28 44.39
CA GLY D 148 -9.59 -48.57 43.80
C GLY D 148 -10.76 -49.20 44.53
N ILE D 149 -10.58 -49.45 45.83
CA ILE D 149 -11.50 -50.30 46.59
C ILE D 149 -12.88 -49.67 46.88
N PHE D 150 -12.98 -48.36 46.69
CA PHE D 150 -14.27 -47.69 46.70
C PHE D 150 -15.10 -48.07 45.47
N ILE D 151 -14.43 -48.46 44.37
CA ILE D 151 -15.15 -48.99 43.19
C ILE D 151 -15.61 -50.43 43.44
N ALA D 152 -14.81 -51.18 44.19
CA ALA D 152 -15.17 -52.54 44.62
C ALA D 152 -15.99 -52.52 45.92
N TYR D 153 -16.73 -51.42 46.09
CA TYR D 153 -17.65 -51.21 47.18
C TYR D 153 -18.85 -50.51 46.56
N LEU D 154 -18.60 -49.80 45.46
CA LEU D 154 -19.66 -49.20 44.65
C LEU D 154 -20.17 -50.20 43.60
N ILE D 155 -19.41 -51.27 43.34
CA ILE D 155 -19.98 -52.37 42.55
C ILE D 155 -20.61 -53.41 43.47
N VAL D 156 -19.95 -53.74 44.58
CA VAL D 156 -20.53 -54.57 45.65
C VAL D 156 -21.76 -53.84 46.24
N ALA D 157 -22.26 -52.89 45.45
CA ALA D 157 -23.56 -52.30 45.68
C ALA D 157 -24.40 -52.72 44.49
N VAL D 158 -24.40 -51.87 43.45
CA VAL D 158 -25.21 -52.08 42.26
C VAL D 158 -24.89 -53.44 41.63
N LEU D 159 -23.63 -53.58 41.20
CA LEU D 159 -23.17 -54.75 40.41
C LEU D 159 -23.24 -56.06 41.21
N VAL D 160 -23.65 -55.95 42.48
CA VAL D 160 -24.17 -57.11 43.21
C VAL D 160 -25.55 -56.75 43.78
N VAL D 161 -25.58 -56.28 45.03
CA VAL D 161 -26.81 -56.17 45.82
C VAL D 161 -28.08 -55.88 45.00
N ILE D 162 -28.03 -54.91 44.10
CA ILE D 162 -29.17 -54.61 43.23
C ILE D 162 -29.03 -55.31 41.88
N ASP E 21 9.06 -15.29 42.60
CA ASP E 21 8.67 -16.41 41.69
C ASP E 21 9.87 -17.22 41.22
N ILE E 22 9.71 -17.93 40.10
CA ILE E 22 10.85 -18.59 39.46
C ILE E 22 11.30 -17.77 38.24
N VAL E 23 12.62 -17.69 38.04
CA VAL E 23 13.18 -17.13 36.80
C VAL E 23 13.69 -18.17 35.80
N MET E 24 13.14 -18.12 34.60
CA MET E 24 13.57 -18.98 33.52
C MET E 24 14.50 -18.17 32.65
N SER E 25 15.64 -18.74 32.29
CA SER E 25 16.58 -18.03 31.41
C SER E 25 17.14 -18.88 30.27
N GLN E 26 16.76 -18.51 29.05
CA GLN E 26 17.26 -19.16 27.84
C GLN E 26 18.56 -18.58 27.30
N SER E 27 19.37 -19.48 26.76
CA SER E 27 20.63 -19.18 26.10
C SER E 27 20.74 -20.07 24.85
N PRO E 28 21.17 -19.48 23.72
CA PRO E 28 21.56 -18.11 23.51
C PRO E 28 20.34 -17.24 23.24
N SER E 29 20.54 -15.97 22.95
CA SER E 29 19.47 -15.10 22.48
C SER E 29 18.95 -15.56 21.14
N SER E 30 19.88 -15.91 20.27
CA SER E 30 19.56 -16.38 18.94
C SER E 30 20.66 -17.23 18.33
N LEU E 31 20.30 -17.90 17.24
CA LEU E 31 21.22 -18.72 16.48
C LEU E 31 20.74 -18.92 15.07
N ALA E 32 21.53 -18.46 14.11
CA ALA E 32 21.29 -18.77 12.72
C ALA E 32 21.88 -20.14 12.45
N VAL E 33 21.18 -20.93 11.63
CA VAL E 33 21.63 -22.29 11.33
C VAL E 33 21.29 -22.77 9.90
N SER E 34 21.93 -23.87 9.50
CA SER E 34 21.86 -24.41 8.14
C SER E 34 20.92 -25.61 8.05
N ALA E 35 20.06 -25.59 7.04
CA ALA E 35 18.97 -26.54 6.91
C ALA E 35 19.40 -28.01 6.77
N GLY E 36 19.03 -28.81 7.76
CA GLY E 36 19.33 -30.25 7.76
C GLY E 36 20.25 -30.67 8.89
N GLU E 37 20.78 -29.70 9.61
CA GLU E 37 21.68 -29.92 10.75
C GLU E 37 20.95 -30.31 12.06
N LYS E 38 21.66 -30.18 13.18
CA LYS E 38 21.09 -30.46 14.51
C LYS E 38 21.50 -29.45 15.58
N VAL E 39 20.67 -28.39 15.71
CA VAL E 39 20.78 -27.36 16.79
C VAL E 39 20.25 -27.84 18.13
N THR E 40 20.71 -27.18 19.19
CA THR E 40 20.15 -27.39 20.54
C THR E 40 20.15 -26.07 21.28
N MET E 41 18.98 -25.56 21.67
CA MET E 41 18.95 -24.41 22.58
C MET E 41 18.85 -24.88 24.02
N SER E 42 19.13 -23.96 24.95
CA SER E 42 19.14 -24.30 26.36
C SER E 42 18.18 -23.46 27.20
N CYS E 43 17.64 -24.11 28.22
CA CYS E 43 16.71 -23.50 29.14
C CYS E 43 17.11 -23.85 30.56
N LYS E 44 17.21 -22.84 31.40
CA LYS E 44 17.53 -23.04 32.80
C LYS E 44 16.53 -22.34 33.70
N SER E 45 16.54 -22.72 34.97
CA SER E 45 15.50 -22.32 35.90
C SER E 45 16.15 -22.07 37.24
N SER E 46 15.65 -21.07 37.97
CA SER E 46 16.23 -20.69 39.26
C SER E 46 16.02 -21.79 40.27
N GLN E 47 14.81 -22.33 40.26
CA GLN E 47 14.42 -23.43 41.15
C GLN E 47 14.38 -24.74 40.40
N SER E 48 14.60 -25.83 41.15
CA SER E 48 14.48 -27.15 40.58
C SER E 48 13.02 -27.42 40.30
N LEU E 49 12.77 -28.08 39.16
CA LEU E 49 11.42 -28.31 38.71
C LEU E 49 11.02 -29.77 38.87
N LEU E 50 11.83 -30.52 39.63
CA LEU E 50 11.54 -31.93 39.95
C LEU E 50 10.44 -32.09 41.01
N ASN E 51 9.83 -33.28 41.06
CA ASN E 51 8.84 -33.61 42.09
C ASN E 51 9.11 -34.99 42.68
N SER E 52 9.34 -35.05 44.00
CA SER E 52 9.62 -36.32 44.72
C SER E 52 8.87 -37.52 44.15
N ARG E 53 7.58 -37.30 43.89
CA ARG E 53 6.72 -38.24 43.18
C ARG E 53 5.98 -37.51 42.06
N THR E 54 5.90 -38.07 40.86
CA THR E 54 6.84 -39.08 40.38
C THR E 54 7.86 -38.19 39.68
N ARG E 55 9.01 -38.74 39.32
CA ARG E 55 9.95 -37.99 38.49
C ARG E 55 9.19 -37.32 37.35
N LYS E 56 8.88 -36.04 37.56
CA LYS E 56 8.21 -35.19 36.59
C LYS E 56 8.82 -33.80 36.72
N ASN E 57 8.77 -33.04 35.64
CA ASN E 57 9.67 -31.93 35.42
C ASN E 57 9.13 -31.31 34.15
N TYR E 58 7.97 -30.68 34.10
CA TYR E 58 7.40 -29.63 34.96
C TYR E 58 7.86 -28.30 34.38
N LEU E 59 7.92 -28.38 33.05
CA LEU E 59 8.46 -27.37 32.16
C LEU E 59 8.00 -27.78 30.77
N ALA E 60 7.64 -26.79 29.97
CA ALA E 60 7.21 -27.02 28.60
C ALA E 60 8.17 -26.38 27.58
N TRP E 61 7.83 -26.51 26.31
CA TRP E 61 8.50 -25.86 25.18
C TRP E 61 7.45 -25.41 24.19
N TYR E 62 7.44 -24.13 23.85
CA TYR E 62 6.49 -23.60 22.89
C TYR E 62 7.27 -22.93 21.76
N GLN E 63 6.83 -23.13 20.52
CA GLN E 63 7.43 -22.39 19.40
C GLN E 63 6.48 -21.36 18.80
N GLN E 64 6.97 -20.14 18.62
CA GLN E 64 6.18 -19.05 18.06
C GLN E 64 6.79 -18.46 16.78
N LYS E 65 6.11 -18.71 15.67
CA LYS E 65 6.43 -18.15 14.38
C LYS E 65 5.81 -16.74 14.30
N PRO E 66 6.45 -15.83 13.51
CA PRO E 66 5.95 -14.46 13.38
C PRO E 66 4.45 -14.39 13.08
N GLY E 67 3.82 -13.31 13.52
CA GLY E 67 2.39 -13.08 13.30
C GLY E 67 1.47 -14.20 13.74
N GLN E 68 1.68 -14.71 14.97
CA GLN E 68 0.95 -15.87 15.54
C GLN E 68 1.13 -16.05 17.05
N SER E 69 0.31 -16.95 17.62
CA SER E 69 0.50 -17.44 18.98
C SER E 69 1.62 -18.49 18.99
N PRO E 70 1.98 -19.01 20.17
CA PRO E 70 2.83 -20.20 20.26
C PRO E 70 2.04 -21.50 20.07
N LYS E 71 2.75 -22.62 19.92
CA LYS E 71 2.14 -23.94 19.96
C LYS E 71 2.94 -24.79 20.94
N LEU E 72 2.27 -25.58 21.78
CA LEU E 72 2.97 -26.48 22.71
C LEU E 72 3.74 -27.55 21.91
N LEU E 73 5.05 -27.58 22.09
CA LEU E 73 5.88 -28.51 21.36
C LEU E 73 6.14 -29.71 22.24
N ILE E 74 6.58 -29.44 23.47
CA ILE E 74 6.86 -30.49 24.42
C ILE E 74 6.35 -30.09 25.80
N TYR E 75 5.70 -31.03 26.49
CA TYR E 75 5.33 -30.83 27.89
C TYR E 75 6.05 -31.83 28.79
N TRP E 76 6.11 -31.48 30.07
CA TRP E 76 6.86 -32.26 31.07
C TRP E 76 8.30 -32.48 30.61
N ALA E 77 8.80 -31.52 29.83
CA ALA E 77 10.15 -31.53 29.21
C ALA E 77 10.42 -32.64 28.18
N SER E 78 9.97 -33.86 28.47
CA SER E 78 10.15 -35.01 27.58
C SER E 78 8.99 -35.18 26.61
N THR E 79 7.89 -35.76 27.08
CA THR E 79 6.84 -36.22 26.18
C THR E 79 6.49 -35.18 25.11
N ARG E 80 6.55 -35.60 23.86
CA ARG E 80 6.15 -34.76 22.74
C ARG E 80 4.68 -34.38 22.80
N GLU E 81 4.24 -33.58 21.84
CA GLU E 81 2.84 -33.24 21.73
C GLU E 81 2.20 -33.97 20.56
N SER E 82 0.87 -34.05 20.55
CA SER E 82 0.12 -34.75 19.50
C SER E 82 0.26 -34.08 18.14
N GLY E 83 1.12 -34.66 17.30
CA GLY E 83 1.42 -34.14 15.97
C GLY E 83 2.72 -33.38 15.91
N VAL E 84 3.67 -33.78 16.75
CA VAL E 84 4.99 -33.12 16.81
C VAL E 84 6.11 -34.07 16.38
N PRO E 85 6.80 -33.71 15.28
CA PRO E 85 7.89 -34.46 14.65
C PRO E 85 8.92 -35.11 15.59
N ASP E 86 9.58 -36.15 15.07
CA ASP E 86 10.61 -36.90 15.79
C ASP E 86 11.79 -36.04 16.14
N ARG E 87 12.17 -35.19 15.19
CA ARG E 87 13.36 -34.33 15.27
C ARG E 87 13.57 -33.62 16.61
N PHE E 88 12.53 -32.90 17.08
CA PHE E 88 12.56 -32.26 18.41
C PHE E 88 12.63 -33.31 19.51
N THR E 89 13.37 -33.02 20.58
CA THR E 89 13.57 -33.96 21.66
C THR E 89 14.07 -33.23 22.90
N GLY E 90 13.14 -32.78 23.73
CA GLY E 90 13.50 -32.12 24.99
C GLY E 90 14.27 -33.05 25.90
N SER E 91 15.12 -32.49 26.73
CA SER E 91 15.92 -33.28 27.67
C SER E 91 16.30 -32.41 28.86
N GLY E 92 16.94 -33.00 29.85
CA GLY E 92 17.42 -32.23 30.98
C GLY E 92 16.59 -32.49 32.20
N SER E 93 17.11 -32.09 33.37
CA SER E 93 16.50 -32.47 34.64
C SER E 93 16.77 -31.52 35.81
N GLY E 94 15.67 -31.01 36.37
CA GLY E 94 15.73 -30.20 37.59
C GLY E 94 15.93 -28.73 37.30
N THR E 95 17.15 -28.38 36.90
CA THR E 95 17.53 -26.99 36.63
C THR E 95 18.33 -26.83 35.33
N ASP E 96 18.08 -27.70 34.35
CA ASP E 96 18.88 -27.79 33.11
C ASP E 96 18.17 -28.43 31.93
N PHE E 97 17.27 -27.68 31.30
CA PHE E 97 16.45 -28.23 30.21
C PHE E 97 16.94 -27.83 28.81
N THR E 98 16.85 -28.76 27.85
CA THR E 98 17.52 -28.56 26.58
C THR E 98 16.77 -29.12 25.38
N LEU E 99 16.07 -28.24 24.68
CA LEU E 99 15.37 -28.59 23.45
C LEU E 99 16.38 -28.72 22.33
N THR E 100 16.16 -29.69 21.44
CA THR E 100 17.08 -29.97 20.33
C THR E 100 16.39 -30.40 19.05
N ILE E 101 16.76 -29.78 17.92
CA ILE E 101 16.23 -30.13 16.58
C ILE E 101 17.32 -30.70 15.67
N SER E 102 17.01 -31.77 14.94
CA SER E 102 17.76 -32.14 13.73
C SER E 102 16.85 -31.93 12.51
N SER E 103 17.39 -32.19 11.31
CA SER E 103 16.68 -31.99 10.02
C SER E 103 16.07 -30.59 9.86
N VAL E 104 16.58 -29.67 10.67
CA VAL E 104 16.13 -28.29 10.70
C VAL E 104 15.39 -27.91 9.42
N GLN E 105 14.06 -27.89 9.49
CA GLN E 105 13.27 -27.40 8.36
C GLN E 105 13.43 -25.89 8.15
N ALA E 106 12.94 -25.40 7.01
CA ALA E 106 12.90 -23.97 6.74
C ALA E 106 11.73 -23.38 7.49
N GLU E 107 10.68 -24.21 7.64
CA GLU E 107 9.51 -23.89 8.47
C GLU E 107 9.75 -24.36 9.93
N ASP E 108 10.94 -24.03 10.42
CA ASP E 108 11.33 -24.24 11.80
C ASP E 108 11.94 -22.96 12.33
N LEU E 109 11.87 -21.92 11.49
CA LEU E 109 12.25 -20.58 11.91
C LEU E 109 11.13 -20.10 12.83
N ALA E 110 11.53 -19.70 14.04
CA ALA E 110 10.62 -19.29 15.12
C ALA E 110 11.43 -18.91 16.37
N VAL E 111 10.74 -18.35 17.36
CA VAL E 111 11.36 -18.17 18.67
C VAL E 111 10.88 -19.31 19.56
N TYR E 112 11.84 -20.00 20.16
CA TYR E 112 11.52 -21.11 21.05
C TYR E 112 11.63 -20.61 22.47
N TYR E 113 10.51 -20.74 23.19
CA TYR E 113 10.37 -20.35 24.59
C TYR E 113 10.34 -21.61 25.47
N CYS E 114 10.57 -21.44 26.77
CA CYS E 114 10.32 -22.52 27.72
C CYS E 114 9.53 -22.00 28.91
N LYS E 115 8.54 -22.79 29.32
CA LYS E 115 7.61 -22.47 30.41
C LYS E 115 7.73 -23.50 31.51
N GLN E 116 8.02 -23.07 32.73
CA GLN E 116 7.84 -23.94 33.88
C GLN E 116 6.45 -23.74 34.45
N SER E 117 5.88 -24.81 34.98
CA SER E 117 4.62 -24.71 35.67
C SER E 117 4.66 -25.35 37.05
N TYR E 118 5.85 -25.78 37.49
CA TYR E 118 6.02 -26.32 38.84
C TYR E 118 5.33 -25.43 39.85
N ASN E 119 5.60 -24.13 39.75
CA ASN E 119 5.00 -23.15 40.63
C ASN E 119 4.63 -21.97 39.80
N LEU E 120 3.34 -21.69 39.73
CA LEU E 120 2.79 -20.67 38.83
C LEU E 120 3.13 -20.93 37.35
N TYR E 121 3.09 -19.88 36.54
CA TYR E 121 3.48 -19.95 35.14
C TYR E 121 4.49 -18.86 34.83
N THR E 122 5.74 -19.23 34.54
CA THR E 122 6.74 -18.23 34.19
C THR E 122 7.54 -18.64 32.95
N PHE E 123 7.60 -17.77 31.95
CA PHE E 123 8.30 -18.09 30.68
C PHE E 123 9.82 -17.80 30.63
N GLY E 124 10.48 -18.40 29.64
CA GLY E 124 11.87 -18.08 29.32
C GLY E 124 11.96 -16.83 28.46
N GLY E 125 13.18 -16.43 28.11
CA GLY E 125 13.39 -15.27 27.23
C GLY E 125 13.13 -15.59 25.77
N GLY E 126 13.69 -16.70 25.31
CA GLY E 126 13.56 -17.13 23.94
C GLY E 126 14.92 -17.46 23.38
N THR E 127 14.92 -18.30 22.35
CA THR E 127 16.08 -18.47 21.49
C THR E 127 15.52 -18.30 20.08
N LYS E 128 15.91 -17.23 19.39
CA LYS E 128 15.43 -16.98 18.04
C LYS E 128 16.23 -17.86 17.10
N LEU E 129 15.57 -18.50 16.14
CA LEU E 129 16.29 -19.43 15.27
C LEU E 129 16.29 -19.01 13.80
N GLU E 130 17.28 -18.20 13.42
CA GLU E 130 17.40 -17.70 12.05
C GLU E 130 18.11 -18.68 11.06
N ILE E 131 17.92 -18.43 9.76
CA ILE E 131 18.46 -19.28 8.70
C ILE E 131 19.63 -18.64 7.93
N LYS E 132 20.74 -19.37 7.81
CA LYS E 132 21.86 -18.96 6.95
C LYS E 132 21.43 -19.00 5.47
N ALA E 134 24.20 -17.58 3.88
CA ALA E 134 25.33 -17.17 3.05
C ALA E 134 25.37 -15.65 2.87
N ASP E 135 26.58 -15.08 3.05
CA ASP E 135 26.78 -13.64 3.26
C ASP E 135 26.32 -12.75 2.10
N ALA E 136 26.42 -11.44 2.33
CA ALA E 136 26.17 -10.40 1.31
C ALA E 136 26.57 -9.01 1.87
N ALA E 137 26.82 -8.06 0.98
CA ALA E 137 27.10 -6.68 1.38
C ALA E 137 25.84 -5.78 1.29
N PRO E 138 25.73 -4.79 2.19
CA PRO E 138 24.53 -3.96 2.23
C PRO E 138 24.45 -2.93 1.12
N THR E 139 23.28 -2.85 0.51
CA THR E 139 22.98 -1.85 -0.52
C THR E 139 22.48 -0.59 0.17
N VAL E 140 23.41 0.32 0.44
CA VAL E 140 23.09 1.54 1.16
C VAL E 140 22.81 2.71 0.21
N SER E 141 21.78 3.48 0.56
CA SER E 141 21.38 4.62 -0.24
C SER E 141 20.87 5.70 0.68
N ILE E 142 21.43 6.91 0.53
CA ILE E 142 21.09 8.08 1.36
C ILE E 142 20.04 8.97 0.67
N PHE E 143 19.26 9.68 1.48
CA PHE E 143 18.11 10.43 1.01
C PHE E 143 17.94 11.70 1.83
N PRO E 144 18.04 12.88 1.18
CA PRO E 144 17.83 14.22 1.76
C PRO E 144 16.40 14.49 2.24
N PRO E 145 16.22 15.51 3.10
CA PRO E 145 14.89 15.79 3.65
C PRO E 145 13.96 16.32 2.58
N SER E 146 12.87 15.59 2.37
CA SER E 146 11.95 15.85 1.28
C SER E 146 11.49 17.31 1.16
N SER E 147 11.42 17.74 -0.11
CA SER E 147 10.88 19.02 -0.56
C SER E 147 9.92 19.70 0.42
N GLU E 148 8.87 18.99 0.83
CA GLU E 148 7.83 19.59 1.65
C GLU E 148 8.11 19.56 3.15
N GLN E 149 8.74 18.50 3.63
CA GLN E 149 9.02 18.39 5.06
C GLN E 149 9.62 19.69 5.59
N LEU E 150 10.54 20.24 4.79
CA LEU E 150 11.28 21.45 5.13
C LEU E 150 10.37 22.62 5.49
N THR E 151 9.52 23.02 4.54
CA THR E 151 8.55 24.10 4.73
C THR E 151 7.74 23.94 6.02
N SER E 152 7.62 22.69 6.47
CA SER E 152 6.87 22.36 7.69
C SER E 152 7.60 22.69 8.99
N GLY E 153 8.88 23.07 8.88
CA GLY E 153 9.68 23.47 10.03
C GLY E 153 10.59 22.36 10.55
N GLY E 154 10.50 21.19 9.91
CA GLY E 154 11.29 20.03 10.28
C GLY E 154 12.05 19.49 9.09
N ALA E 155 13.02 18.60 9.35
CA ALA E 155 13.86 17.99 8.30
C ALA E 155 14.49 16.66 8.74
N SER E 156 14.20 15.60 8.01
CA SER E 156 14.73 14.28 8.32
C SER E 156 15.49 13.68 7.16
N VAL E 157 16.77 13.38 7.39
CA VAL E 157 17.60 12.69 6.40
C VAL E 157 17.55 11.20 6.68
N VAL E 158 17.21 10.40 5.69
CA VAL E 158 17.22 8.94 5.89
C VAL E 158 18.24 8.23 5.02
N CYS E 159 18.57 6.99 5.36
CA CYS E 159 19.30 6.14 4.46
C CYS E 159 19.09 4.66 4.75
N PHE E 160 18.78 3.91 3.69
CA PHE E 160 18.38 2.52 3.80
C PHE E 160 19.54 1.55 3.54
N LEU E 161 19.93 0.83 4.59
CA LEU E 161 20.99 -0.17 4.52
C LEU E 161 20.37 -1.54 4.23
N ASN E 162 20.20 -1.87 2.95
CA ASN E 162 19.35 -2.99 2.58
C ASN E 162 20.09 -4.26 2.18
N ASN E 163 19.45 -5.40 2.44
CA ASN E 163 19.89 -6.70 1.96
C ASN E 163 21.31 -7.08 2.27
N PHE E 164 21.54 -7.47 3.52
CA PHE E 164 22.87 -7.88 4.02
C PHE E 164 22.80 -8.99 5.07
N TYR E 165 23.84 -9.81 5.09
CA TYR E 165 23.95 -10.84 6.08
C TYR E 165 25.43 -11.04 6.41
N PRO E 166 25.80 -11.16 7.70
CA PRO E 166 25.09 -11.21 8.99
C PRO E 166 24.51 -9.88 9.49
N LYS E 167 23.54 -9.94 10.40
CA LYS E 167 22.84 -8.74 10.86
C LYS E 167 23.77 -7.62 11.35
N ASP E 168 24.83 -8.00 12.06
CA ASP E 168 25.70 -7.04 12.75
C ASP E 168 26.26 -5.98 11.83
N ILE E 169 25.57 -4.86 11.76
CA ILE E 169 26.03 -3.73 10.97
C ILE E 169 26.32 -2.59 11.93
N ASN E 170 26.92 -1.53 11.39
CA ASN E 170 27.25 -0.38 12.18
C ASN E 170 27.24 0.87 11.31
N VAL E 171 26.29 1.76 11.55
CA VAL E 171 26.22 3.02 10.81
C VAL E 171 26.94 4.11 11.58
N LYS E 172 27.48 5.08 10.85
CA LYS E 172 28.20 6.18 11.47
C LYS E 172 28.02 7.45 10.64
N TRP E 173 27.08 8.29 11.06
CA TRP E 173 26.74 9.53 10.36
C TRP E 173 27.81 10.62 10.45
N LYS E 174 27.88 11.45 9.42
CA LYS E 174 28.76 12.62 9.42
C LYS E 174 28.07 13.81 8.78
N ILE E 175 28.15 14.96 9.48
CA ILE E 175 27.84 16.28 8.93
C ILE E 175 29.19 16.91 8.55
N ASP E 176 29.44 16.98 7.24
CA ASP E 176 30.80 17.21 6.69
C ASP E 176 31.96 16.87 7.64
N GLY E 177 32.44 15.62 7.51
CA GLY E 177 33.64 15.16 8.18
C GLY E 177 33.46 14.87 9.66
N SER E 178 32.85 15.80 10.37
CA SER E 178 32.56 15.62 11.80
C SER E 178 31.37 14.68 11.96
N GLU E 179 31.49 13.74 12.89
CA GLU E 179 30.56 12.62 12.99
C GLU E 179 29.74 12.68 14.26
N ARG E 180 28.70 13.51 14.29
CA ARG E 180 27.80 13.54 15.45
C ARG E 180 26.86 12.32 15.53
N GLN E 181 26.53 11.91 16.76
CA GLN E 181 25.77 10.70 16.95
C GLN E 181 24.33 11.05 17.26
N ASN E 182 24.11 11.81 18.33
CA ASN E 182 22.76 12.02 18.84
C ASN E 182 21.80 12.68 17.86
N GLY E 183 20.53 12.30 17.96
CA GLY E 183 19.53 12.73 17.00
C GLY E 183 19.24 11.65 15.98
N VAL E 184 20.06 10.59 15.96
CA VAL E 184 19.89 9.48 15.01
C VAL E 184 18.96 8.40 15.54
N LEU E 185 18.10 7.89 14.65
CA LEU E 185 17.19 6.79 14.97
C LEU E 185 17.43 5.63 14.01
N ASN E 186 17.50 4.40 14.54
CA ASN E 186 17.61 3.21 13.67
C ASN E 186 16.45 2.23 13.79
N SER E 187 16.44 1.26 12.88
CA SER E 187 15.34 0.31 12.76
C SER E 187 15.72 -0.90 11.89
N TRP E 188 15.49 -2.09 12.44
CA TRP E 188 15.94 -3.32 11.82
C TRP E 188 14.82 -4.27 11.47
N THR E 189 14.87 -4.81 10.27
CA THR E 189 13.94 -5.85 9.86
C THR E 189 14.43 -7.21 10.35
N ASP E 190 13.51 -8.16 10.36
CA ASP E 190 13.84 -9.58 10.45
C ASP E 190 14.22 -10.10 9.07
N GLN E 191 14.98 -11.17 9.08
CA GLN E 191 15.29 -11.94 7.88
C GLN E 191 14.21 -11.90 6.80
N ASP E 192 14.64 -11.85 5.54
CA ASP E 192 13.69 -11.87 4.43
C ASP E 192 13.19 -13.29 4.23
N SER E 193 11.95 -13.42 3.74
CA SER E 193 11.34 -14.73 3.53
C SER E 193 11.88 -15.42 2.28
N LYS E 194 12.18 -14.62 1.27
CA LYS E 194 12.74 -15.12 0.01
C LYS E 194 14.26 -14.86 -0.01
N ASP E 195 14.62 -13.59 0.12
CA ASP E 195 16.00 -13.13 0.09
C ASP E 195 16.79 -13.54 1.36
N SER E 196 16.07 -13.85 2.43
CA SER E 196 16.65 -14.40 3.67
C SER E 196 17.76 -13.56 4.30
N THR E 197 17.67 -12.25 4.09
CA THR E 197 18.66 -11.31 4.66
C THR E 197 17.99 -10.09 5.31
N TYR E 198 18.81 -9.23 5.91
CA TYR E 198 18.33 -8.09 6.66
C TYR E 198 18.48 -6.78 5.92
N SER E 199 17.70 -5.81 6.36
CA SER E 199 17.77 -4.42 5.90
C SER E 199 17.52 -3.52 7.11
N MET E 200 18.22 -2.41 7.17
CA MET E 200 18.09 -1.50 8.27
C MET E 200 17.98 -0.07 7.74
N SER E 201 17.11 0.72 8.33
CA SER E 201 17.08 2.13 8.01
C SER E 201 17.65 2.97 9.15
N SER E 202 18.13 4.17 8.82
CA SER E 202 18.74 5.07 9.80
C SER E 202 18.38 6.49 9.45
N THR E 203 17.98 7.27 10.46
CA THR E 203 17.44 8.59 10.24
C THR E 203 17.98 9.63 11.20
N LEU E 204 18.93 10.41 10.74
CA LEU E 204 19.35 11.61 11.44
C LEU E 204 18.31 12.67 11.19
N THR E 205 17.72 13.19 12.27
CA THR E 205 16.65 14.17 12.15
C THR E 205 16.98 15.51 12.83
N LEU E 206 16.71 16.60 12.10
CA LEU E 206 17.05 17.97 12.52
C LEU E 206 15.96 19.00 12.25
N THR E 207 15.92 20.01 13.10
CA THR E 207 15.19 21.23 12.81
C THR E 207 15.85 21.88 11.57
N LYS E 208 15.03 22.13 10.55
CA LYS E 208 15.41 22.86 9.33
C LYS E 208 16.53 23.87 9.60
N ASP E 209 16.28 24.82 10.49
CA ASP E 209 17.29 25.79 10.94
C ASP E 209 18.69 25.16 11.01
N GLU E 210 18.78 24.07 11.76
CA GLU E 210 20.04 23.38 11.94
C GLU E 210 20.40 22.53 10.73
N TYR E 211 19.41 22.20 9.90
CA TYR E 211 19.71 21.45 8.70
C TYR E 211 20.67 22.25 7.83
N GLU E 212 20.39 23.55 7.70
CA GLU E 212 21.18 24.44 6.83
C GLU E 212 22.45 24.99 7.50
N ARG E 213 22.67 24.65 8.77
CA ARG E 213 23.94 24.98 9.42
C ARG E 213 25.07 24.48 8.53
N HIS E 214 24.94 23.27 8.00
CA HIS E 214 25.99 22.65 7.20
C HIS E 214 25.62 22.30 5.77
N ASN E 215 26.55 21.62 5.08
CA ASN E 215 26.37 21.27 3.69
C ASN E 215 26.43 19.76 3.43
N SER E 216 27.52 19.14 3.86
CA SER E 216 27.76 17.75 3.49
C SER E 216 27.18 16.78 4.50
N TYR E 217 26.38 15.84 4.03
CA TYR E 217 25.83 14.78 4.86
C TYR E 217 26.19 13.40 4.30
N THR E 218 26.47 12.44 5.17
CA THR E 218 26.91 11.10 4.74
C THR E 218 26.64 9.99 5.78
N CYS E 219 26.29 8.80 5.28
CA CYS E 219 26.11 7.62 6.14
C CYS E 219 26.97 6.43 5.69
N GLU E 220 27.48 5.67 6.64
CA GLU E 220 28.45 4.61 6.32
C GLU E 220 28.15 3.30 7.02
N ALA E 221 27.78 2.29 6.24
CA ALA E 221 27.78 0.91 6.71
C ALA E 221 29.20 0.53 7.14
N THR E 222 29.35 -0.56 7.88
CA THR E 222 30.67 -1.10 8.22
C THR E 222 30.51 -2.58 8.49
N HIS E 223 29.68 -3.20 7.66
CA HIS E 223 29.43 -4.63 7.65
C HIS E 223 30.68 -5.54 7.57
N LYS E 224 30.52 -6.77 8.03
CA LYS E 224 31.60 -7.74 8.01
C LYS E 224 31.68 -8.43 6.65
N THR E 225 31.79 -7.65 5.58
CA THR E 225 32.00 -8.21 4.23
C THR E 225 33.31 -7.69 3.69
N SER E 226 33.40 -6.37 3.57
CA SER E 226 34.64 -5.70 3.23
C SER E 226 34.92 -4.69 4.33
N THR E 227 35.95 -4.92 5.14
CA THR E 227 36.28 -3.95 6.18
C THR E 227 36.84 -2.67 5.55
N SER E 228 35.90 -1.96 4.94
CA SER E 228 36.07 -0.64 4.33
C SER E 228 34.66 -0.07 4.25
N PRO E 229 34.36 0.95 5.09
CA PRO E 229 33.04 1.57 5.10
C PRO E 229 32.47 1.82 3.72
N ILE E 230 31.17 1.54 3.54
CA ILE E 230 30.44 2.02 2.37
C ILE E 230 29.87 3.41 2.68
N VAL E 231 30.68 4.42 2.41
CA VAL E 231 30.25 5.81 2.43
C VAL E 231 29.35 6.05 1.22
N LYS E 232 28.43 6.97 1.37
CA LYS E 232 27.48 7.31 0.34
C LYS E 232 26.89 8.63 0.81
N SER E 233 27.40 9.71 0.24
CA SER E 233 27.14 11.05 0.74
C SER E 233 26.39 11.96 -0.24
N PHE E 234 25.61 12.87 0.31
CA PHE E 234 25.00 13.95 -0.46
C PHE E 234 25.26 15.28 0.27
N ASN E 235 25.24 16.41 -0.45
CA ASN E 235 25.54 17.71 0.16
C ASN E 235 24.63 18.81 -0.30
N ARG E 236 24.23 19.65 0.66
CA ARG E 236 23.08 20.56 0.55
C ARG E 236 22.85 21.30 -0.78
N ASN E 237 23.68 22.30 -1.07
CA ASN E 237 23.52 23.24 -2.22
C ASN E 237 22.22 23.21 -3.01
N GLU E 238 22.08 22.20 -3.87
CA GLU E 238 20.96 22.04 -4.80
C GLU E 238 19.62 21.73 -4.10
N CYS E 239 19.69 21.09 -2.92
CA CYS E 239 18.51 20.71 -2.11
C CYS E 239 18.49 21.37 -0.72
N GLU F 1 -10.37 -27.17 14.09
CA GLU F 1 -11.41 -27.77 14.96
C GLU F 1 -11.63 -26.97 16.26
N VAL F 2 -10.76 -27.16 17.26
CA VAL F 2 -10.92 -26.58 18.60
C VAL F 2 -10.41 -25.14 18.67
N GLN F 3 -11.28 -24.19 19.01
CA GLN F 3 -10.97 -22.77 18.80
C GLN F 3 -11.35 -21.72 19.87
N LEU F 4 -10.45 -20.75 20.03
CA LEU F 4 -10.66 -19.56 20.87
C LEU F 4 -10.52 -18.28 20.04
N VAL F 5 -11.35 -17.29 20.32
CA VAL F 5 -11.32 -16.05 19.57
C VAL F 5 -11.39 -14.87 20.53
N GLU F 6 -10.24 -14.49 21.06
CA GLU F 6 -10.17 -13.33 21.98
C GLU F 6 -10.25 -12.02 21.20
N SER F 7 -10.86 -11.00 21.82
CA SER F 7 -11.15 -9.75 21.11
C SER F 7 -11.62 -8.60 22.02
N GLY F 8 -11.82 -7.43 21.40
CA GLY F 8 -12.23 -6.23 22.09
C GLY F 8 -11.14 -5.63 22.96
N GLY F 9 -10.36 -4.71 22.40
CA GLY F 9 -9.27 -4.03 23.12
C GLY F 9 -8.40 -3.12 22.25
N GLY F 10 -7.94 -2.02 22.84
CA GLY F 10 -7.12 -1.01 22.13
C GLY F 10 -6.65 0.06 23.10
N LEU F 11 -6.46 1.29 22.61
CA LEU F 11 -5.99 2.40 23.46
C LEU F 11 -6.81 2.62 24.72
N VAL F 12 -6.13 3.07 25.78
CA VAL F 12 -6.76 3.53 27.01
C VAL F 12 -5.84 4.51 27.76
N LYS F 13 -6.42 5.32 28.64
CA LYS F 13 -5.64 6.15 29.56
C LYS F 13 -5.23 5.32 30.78
N PRO F 14 -4.01 5.57 31.28
CA PRO F 14 -3.54 5.08 32.58
C PRO F 14 -4.54 5.38 33.68
N GLY F 15 -5.30 4.35 34.05
CA GLY F 15 -6.35 4.46 35.06
C GLY F 15 -7.67 3.87 34.57
N GLY F 16 -7.84 3.88 33.24
CA GLY F 16 -9.08 3.43 32.59
C GLY F 16 -9.37 1.94 32.72
N SER F 17 -10.29 1.44 31.88
CA SER F 17 -10.72 0.04 31.97
C SER F 17 -10.99 -0.58 30.62
N LEU F 18 -11.15 -1.91 30.60
CA LEU F 18 -11.30 -2.70 29.37
C LEU F 18 -11.70 -4.15 29.68
N LYS F 19 -12.85 -4.58 29.16
CA LYS F 19 -13.37 -5.92 29.47
C LYS F 19 -13.11 -6.90 28.35
N LEU F 20 -11.88 -7.39 28.30
CA LEU F 20 -11.42 -8.33 27.28
C LEU F 20 -12.15 -9.67 27.35
N SER F 21 -12.34 -10.28 26.17
CA SER F 21 -13.17 -11.48 26.01
C SER F 21 -12.62 -12.45 24.97
N CYS F 22 -12.92 -13.74 25.16
CA CYS F 22 -12.42 -14.84 24.33
C CYS F 22 -13.52 -15.87 24.05
N ALA F 23 -13.92 -16.01 22.78
CA ALA F 23 -14.98 -16.96 22.39
C ALA F 23 -14.44 -18.36 22.10
N ALA F 24 -14.87 -19.33 22.90
CA ALA F 24 -14.40 -20.69 22.76
C ALA F 24 -15.34 -21.49 21.87
N SER F 25 -14.85 -21.90 20.71
CA SER F 25 -15.72 -22.52 19.71
C SER F 25 -15.16 -23.83 19.18
N GLY F 26 -15.43 -24.92 19.89
CA GLY F 26 -15.10 -26.26 19.42
C GLY F 26 -14.65 -27.26 20.48
N PHE F 27 -14.78 -26.89 21.75
CA PHE F 27 -14.40 -27.80 22.83
C PHE F 27 -15.38 -27.74 24.01
N ALA F 28 -15.34 -28.78 24.86
CA ALA F 28 -16.30 -28.96 25.97
C ALA F 28 -16.19 -27.92 27.09
N PHE F 29 -15.63 -26.75 26.73
CA PHE F 29 -15.54 -25.55 27.58
C PHE F 29 -15.46 -25.86 29.07
N SER F 30 -16.62 -25.97 29.70
CA SER F 30 -16.75 -26.36 31.11
C SER F 30 -15.82 -27.52 31.47
N SER F 31 -15.38 -28.24 30.44
CA SER F 31 -14.39 -29.31 30.56
C SER F 31 -13.18 -28.93 31.42
N TYR F 32 -12.33 -28.05 30.88
CA TYR F 32 -11.05 -27.69 31.53
C TYR F 32 -11.08 -26.30 32.17
N ASP F 33 -9.97 -25.98 32.85
CA ASP F 33 -9.73 -24.65 33.41
C ASP F 33 -9.39 -23.70 32.27
N MET F 34 -9.19 -22.42 32.59
CA MET F 34 -8.79 -21.41 31.58
C MET F 34 -7.72 -20.40 32.07
N SER F 35 -7.23 -19.56 31.15
CA SER F 35 -6.17 -18.59 31.44
C SER F 35 -5.90 -17.63 30.30
N TRP F 36 -5.34 -16.48 30.66
CA TRP F 36 -4.78 -15.53 29.71
C TRP F 36 -3.28 -15.42 29.88
N VAL F 37 -2.57 -15.42 28.77
CA VAL F 37 -1.18 -15.01 28.78
C VAL F 37 -1.06 -13.75 27.93
N ARG F 38 -0.20 -12.84 28.31
CA ARG F 38 0.03 -11.65 27.50
C ARG F 38 1.47 -11.62 27.03
N GLN F 39 1.74 -10.77 26.05
CA GLN F 39 3.07 -10.63 25.48
C GLN F 39 3.28 -9.20 25.10
N THR F 40 4.37 -8.64 25.61
CA THR F 40 4.74 -7.25 25.37
C THR F 40 5.20 -7.00 23.91
N PRO F 41 5.41 -5.71 23.55
CA PRO F 41 6.02 -5.41 22.26
C PRO F 41 7.41 -6.04 22.14
N GLU F 42 8.11 -6.14 23.27
CA GLU F 42 9.43 -6.75 23.35
C GLU F 42 9.37 -8.28 23.31
N LYS F 43 8.17 -8.81 23.07
CA LYS F 43 7.95 -10.25 22.93
C LYS F 43 8.26 -11.05 24.21
N ARG F 44 8.27 -10.34 25.34
CA ARG F 44 8.23 -10.96 26.66
C ARG F 44 6.82 -11.51 26.87
N LEU F 45 6.75 -12.76 27.34
CA LEU F 45 5.49 -13.41 27.71
C LEU F 45 5.21 -13.27 29.20
N GLU F 46 3.94 -13.37 29.56
CA GLU F 46 3.51 -13.12 30.93
C GLU F 46 2.19 -13.79 31.31
N TRP F 47 2.24 -14.74 32.27
CA TRP F 47 1.01 -15.32 32.80
C TRP F 47 0.24 -14.35 33.70
N VAL F 48 -0.95 -14.00 33.26
CA VAL F 48 -1.72 -12.94 33.86
C VAL F 48 -2.93 -13.41 34.68
N ALA F 49 -3.63 -14.42 34.20
CA ALA F 49 -4.87 -14.83 34.83
C ALA F 49 -5.08 -16.33 34.68
N TYR F 50 -5.88 -16.90 35.59
CA TYR F 50 -6.23 -18.33 35.53
C TYR F 50 -7.53 -18.63 36.26
N ILE F 51 -8.57 -18.95 35.50
CA ILE F 51 -9.87 -19.38 36.05
C ILE F 51 -9.95 -20.91 36.11
N SER F 52 -10.60 -21.44 37.15
CA SER F 52 -10.78 -22.89 37.29
C SER F 52 -11.68 -23.51 36.21
N SER F 53 -12.06 -24.77 36.40
CA SER F 53 -12.99 -25.47 35.49
C SER F 53 -14.34 -24.74 35.45
N GLY F 54 -15.06 -24.76 36.57
CA GLY F 54 -16.26 -23.96 36.74
C GLY F 54 -16.00 -22.81 37.71
N GLY F 55 -15.37 -21.74 37.20
CA GLY F 55 -15.03 -20.54 37.97
C GLY F 55 -15.07 -20.60 39.49
N GLY F 56 -14.70 -21.75 40.06
CA GLY F 56 -14.66 -21.95 41.51
C GLY F 56 -13.74 -20.95 42.16
N SER F 57 -12.44 -21.11 41.92
CA SER F 57 -11.45 -20.11 42.33
C SER F 57 -10.62 -19.61 41.13
N THR F 58 -9.92 -18.50 41.34
CA THR F 58 -9.11 -17.86 40.30
C THR F 58 -7.65 -17.72 40.74
N TYR F 59 -6.76 -17.38 39.78
CA TYR F 59 -5.31 -17.26 40.04
C TYR F 59 -4.60 -16.13 39.28
N TYR F 60 -3.71 -15.41 39.97
CA TYR F 60 -3.02 -14.24 39.41
C TYR F 60 -1.53 -14.17 39.83
N PRO F 61 -0.68 -13.49 39.02
CA PRO F 61 0.61 -13.10 39.56
C PRO F 61 0.36 -11.84 40.39
N ASP F 62 1.21 -11.57 41.36
CA ASP F 62 1.00 -10.42 42.22
C ASP F 62 0.80 -9.17 41.40
N THR F 63 1.56 -9.05 40.32
CA THR F 63 1.56 -7.87 39.45
C THR F 63 0.18 -7.34 39.01
N VAL F 64 -0.79 -8.23 38.80
CA VAL F 64 -2.13 -7.84 38.37
C VAL F 64 -3.19 -7.98 39.49
N LYS F 65 -2.85 -8.81 40.50
CA LYS F 65 -3.75 -9.17 41.60
C LYS F 65 -4.48 -7.99 42.26
N GLY F 66 -5.73 -7.80 41.86
CA GLY F 66 -6.55 -6.72 42.40
C GLY F 66 -6.58 -5.54 41.47
N ARG F 67 -6.42 -5.78 40.18
CA ARG F 67 -6.62 -4.75 39.16
C ARG F 67 -7.16 -5.42 37.90
N PHE F 68 -7.19 -6.75 38.00
CA PHE F 68 -7.58 -7.66 36.93
C PHE F 68 -8.49 -8.70 37.54
N THR F 69 -9.52 -9.09 36.80
CA THR F 69 -10.36 -10.23 37.17
C THR F 69 -10.74 -11.08 35.96
N ILE F 70 -10.76 -12.38 36.18
CA ILE F 70 -11.09 -13.35 35.14
C ILE F 70 -12.46 -14.01 35.37
N SER F 71 -13.37 -13.80 34.41
CA SER F 71 -14.72 -14.30 34.54
C SER F 71 -15.13 -15.16 33.35
N ARG F 72 -15.81 -16.26 33.63
CA ARG F 72 -16.36 -17.11 32.58
C ARG F 72 -17.85 -17.40 32.82
N ASP F 73 -18.55 -17.66 31.71
CA ASP F 73 -19.93 -18.14 31.71
C ASP F 73 -19.95 -19.55 31.10
N ASN F 74 -19.79 -20.57 31.96
CA ASN F 74 -19.68 -21.98 31.56
C ASN F 74 -20.70 -22.40 30.51
N ALA F 75 -21.76 -21.59 30.38
CA ALA F 75 -22.80 -21.79 29.37
C ALA F 75 -22.38 -21.25 28.00
N LYS F 76 -22.36 -19.92 27.84
CA LYS F 76 -22.22 -19.31 26.51
C LYS F 76 -20.81 -19.39 25.89
N ASN F 77 -20.00 -20.28 26.47
CA ASN F 77 -18.67 -20.64 25.96
C ASN F 77 -17.69 -19.47 25.75
N THR F 78 -17.73 -18.52 26.68
CA THR F 78 -16.90 -17.32 26.62
C THR F 78 -16.07 -17.13 27.89
N LEU F 79 -14.82 -16.70 27.70
CA LEU F 79 -13.92 -16.29 28.77
C LEU F 79 -13.79 -14.76 28.76
N TYR F 80 -13.59 -14.18 29.94
CA TYR F 80 -13.41 -12.73 30.01
C TYR F 80 -12.24 -12.34 30.90
N LEU F 81 -11.55 -11.27 30.49
CA LEU F 81 -10.58 -10.58 31.35
C LEU F 81 -11.04 -9.15 31.59
N GLN F 82 -11.33 -8.83 32.84
CA GLN F 82 -11.79 -7.51 33.20
C GLN F 82 -10.62 -6.73 33.77
N MET F 83 -10.18 -5.70 33.03
CA MET F 83 -8.99 -4.93 33.41
C MET F 83 -9.29 -3.52 33.88
N SER F 84 -8.69 -3.13 34.99
CA SER F 84 -9.00 -1.84 35.59
C SER F 84 -7.83 -1.28 36.38
N SER F 85 -7.93 0.00 36.74
CA SER F 85 -6.79 0.77 37.27
C SER F 85 -5.56 0.35 36.47
N LEU F 86 -5.61 0.68 35.19
CA LEU F 86 -4.66 0.17 34.21
C LEU F 86 -3.30 0.86 34.26
N LYS F 87 -2.27 0.03 34.28
CA LYS F 87 -0.89 0.48 34.18
C LYS F 87 -0.44 0.41 32.71
N SER F 88 0.48 1.30 32.35
CA SER F 88 1.16 1.31 31.05
C SER F 88 1.75 -0.06 30.73
N GLU F 89 2.24 -0.74 31.77
CA GLU F 89 2.80 -2.09 31.70
C GLU F 89 1.86 -3.11 31.05
N ASP F 90 0.56 -2.94 31.27
CA ASP F 90 -0.41 -3.90 30.80
C ASP F 90 -0.57 -3.89 29.27
N THR F 91 0.04 -2.92 28.61
CA THR F 91 0.16 -2.91 27.15
C THR F 91 0.75 -4.26 26.74
N ALA F 92 0.12 -4.87 25.74
CA ALA F 92 0.52 -6.17 25.23
C ALA F 92 -0.56 -6.72 24.33
N MET F 93 -0.18 -7.69 23.50
CA MET F 93 -1.14 -8.52 22.80
C MET F 93 -1.52 -9.63 23.79
N TYR F 94 -2.82 -9.87 23.96
CA TYR F 94 -3.34 -10.74 25.03
C TYR F 94 -3.90 -12.03 24.49
N TYR F 95 -3.25 -13.15 24.81
CA TYR F 95 -3.66 -14.46 24.27
C TYR F 95 -4.48 -15.31 25.25
N CYS F 96 -5.72 -15.61 24.86
CA CYS F 96 -6.55 -16.59 25.57
C CYS F 96 -6.03 -17.95 25.18
N ALA F 97 -5.51 -18.69 26.17
CA ALA F 97 -4.97 -20.02 25.94
C ALA F 97 -5.59 -21.02 26.92
N ARG F 98 -5.44 -22.30 26.61
CA ARG F 98 -6.14 -23.34 27.34
C ARG F 98 -5.20 -24.44 27.79
N PRO F 99 -5.18 -24.70 29.10
CA PRO F 99 -4.30 -25.69 29.71
C PRO F 99 -4.72 -27.10 29.32
N ASP F 100 -3.75 -27.97 29.08
CA ASP F 100 -4.06 -29.36 28.74
C ASP F 100 -4.57 -30.11 29.98
N TYR F 101 -5.51 -31.02 29.74
CA TYR F 101 -6.05 -31.97 30.72
C TYR F 101 -5.23 -32.12 32.02
N ARG F 102 -4.00 -32.63 31.89
CA ARG F 102 -3.21 -33.06 33.03
C ARG F 102 -1.87 -32.34 33.07
N SER F 103 -1.34 -32.08 31.88
CA SER F 103 -0.05 -31.40 31.71
C SER F 103 -0.15 -29.92 32.09
N TYR F 104 -1.36 -29.38 31.97
CA TYR F 104 -1.62 -27.95 32.15
C TYR F 104 -0.85 -27.12 31.11
N ALA F 105 -0.02 -27.81 30.35
CA ALA F 105 0.64 -27.25 29.21
C ALA F 105 -0.41 -26.68 28.27
N MET F 106 -0.38 -25.37 28.07
CA MET F 106 -1.41 -24.70 27.27
C MET F 106 -1.39 -25.20 25.83
N ASP F 107 -2.19 -26.22 25.55
CA ASP F 107 -2.14 -26.88 24.25
C ASP F 107 -2.97 -26.21 23.15
N TYR F 108 -3.94 -25.37 23.53
CA TYR F 108 -4.65 -24.61 22.51
C TYR F 108 -4.76 -23.12 22.77
N TRP F 109 -4.30 -22.35 21.78
CA TRP F 109 -4.09 -20.92 21.92
C TRP F 109 -5.00 -20.09 21.02
N GLY F 110 -5.24 -18.86 21.44
CA GLY F 110 -5.99 -17.89 20.64
C GLY F 110 -5.14 -17.16 19.63
N GLN F 111 -5.41 -15.87 19.44
CA GLN F 111 -4.72 -15.08 18.43
C GLN F 111 -4.36 -13.67 18.94
N GLY F 112 -4.98 -13.28 20.04
CA GLY F 112 -4.58 -12.07 20.75
C GLY F 112 -5.39 -10.81 20.47
N THR F 113 -5.17 -9.78 21.30
CA THR F 113 -5.85 -8.50 21.12
C THR F 113 -4.96 -7.35 21.52
N SER F 114 -4.76 -6.41 20.61
CA SER F 114 -3.90 -5.24 20.87
C SER F 114 -4.42 -4.44 22.05
N VAL F 115 -3.50 -4.03 22.92
CA VAL F 115 -3.80 -3.12 24.01
C VAL F 115 -2.63 -2.16 24.12
N THR F 116 -2.93 -0.94 24.55
CA THR F 116 -1.93 0.08 24.85
C THR F 116 -2.50 1.14 25.77
N VAL F 117 -1.64 1.69 26.62
CA VAL F 117 -2.07 2.62 27.63
C VAL F 117 -1.29 3.92 27.45
N SER F 118 -1.73 4.72 26.47
CA SER F 118 -0.98 5.91 26.03
C SER F 118 -1.65 7.25 26.40
N SER F 119 -1.19 7.85 27.51
CA SER F 119 -1.70 9.14 27.96
C SER F 119 -1.13 10.27 27.11
N LYS F 121 -5.04 9.26 21.98
CA LYS F 121 -4.78 10.42 21.13
C LYS F 121 -4.41 10.05 19.69
N THR F 122 -5.40 9.56 18.95
CA THR F 122 -5.32 9.40 17.50
C THR F 122 -4.48 10.56 16.94
N THR F 123 -3.44 10.25 16.16
CA THR F 123 -2.69 11.29 15.41
C THR F 123 -2.22 10.82 14.01
N ALA F 124 -2.13 11.76 13.07
CA ALA F 124 -1.99 11.43 11.65
C ALA F 124 -0.54 11.50 11.12
N PRO F 125 -0.24 10.70 10.06
CA PRO F 125 1.11 10.51 9.52
C PRO F 125 1.35 11.20 8.16
N SER F 126 2.18 12.25 8.18
CA SER F 126 2.59 12.94 6.98
C SER F 126 3.53 12.01 6.24
N VAL F 127 3.11 11.54 5.06
CA VAL F 127 3.99 10.64 4.30
C VAL F 127 4.87 11.42 3.32
N TYR F 128 6.03 11.83 3.81
CA TYR F 128 6.99 12.58 3.00
C TYR F 128 7.59 11.66 1.95
N PRO F 129 7.65 12.13 0.69
CA PRO F 129 8.22 11.27 -0.35
C PRO F 129 9.74 11.25 -0.23
N LEU F 130 10.39 10.19 -0.71
CA LEU F 130 11.85 10.11 -0.70
C LEU F 130 12.45 9.83 -2.08
N ALA F 131 12.87 10.90 -2.76
CA ALA F 131 13.51 10.80 -4.07
C ALA F 131 15.02 10.87 -3.96
N PRO F 132 15.75 10.07 -4.77
CA PRO F 132 17.19 9.86 -4.54
C PRO F 132 18.09 11.10 -4.69
N VAL F 133 19.34 10.87 -5.11
CA VAL F 133 20.41 11.86 -5.02
C VAL F 133 20.16 13.20 -5.72
N CYS F 134 20.17 14.25 -4.90
CA CYS F 134 20.08 15.67 -5.29
C CYS F 134 20.60 16.00 -6.70
N GLY F 135 21.85 15.61 -6.94
CA GLY F 135 22.44 15.53 -8.27
C GLY F 135 22.63 14.06 -8.61
N ASP F 136 22.04 13.64 -9.72
CA ASP F 136 22.04 12.23 -10.14
C ASP F 136 23.45 11.63 -10.29
N THR F 137 23.55 10.31 -10.17
CA THR F 137 24.77 9.54 -10.50
C THR F 137 24.40 8.09 -10.88
N THR F 138 23.21 7.92 -11.46
CA THR F 138 22.58 6.60 -11.73
C THR F 138 23.57 5.45 -12.06
N GLY F 139 23.99 4.78 -10.99
CA GLY F 139 25.03 3.74 -11.00
C GLY F 139 24.69 2.50 -11.81
N SER F 140 23.59 1.82 -11.46
CA SER F 140 23.10 0.66 -12.23
C SER F 140 21.64 0.29 -11.97
N SER F 141 21.24 0.25 -10.71
CA SER F 141 19.85 -0.06 -10.34
C SER F 141 19.28 0.93 -9.33
N VAL F 142 18.05 1.40 -9.60
CA VAL F 142 17.42 2.47 -8.84
C VAL F 142 16.79 1.98 -7.53
N THR F 143 17.03 2.71 -6.43
CA THR F 143 16.38 2.42 -5.14
C THR F 143 15.70 3.66 -4.53
N LEU F 144 14.48 3.48 -4.04
CA LEU F 144 13.62 4.60 -3.62
C LEU F 144 12.96 4.36 -2.27
N GLY F 145 12.53 5.45 -1.64
CA GLY F 145 11.93 5.39 -0.31
C GLY F 145 10.57 6.05 -0.16
N CYS F 146 10.07 6.03 1.07
CA CYS F 146 8.74 6.53 1.44
C CYS F 146 8.73 6.72 2.98
N LEU F 147 8.58 7.96 3.45
CA LEU F 147 8.72 8.24 4.90
C LEU F 147 7.41 8.60 5.57
N VAL F 148 7.19 8.07 6.77
CA VAL F 148 5.95 8.27 7.52
C VAL F 148 6.26 8.60 8.99
N LYS F 149 6.18 9.88 9.34
CA LYS F 149 6.66 10.31 10.65
C LYS F 149 5.52 10.88 11.51
N GLY F 150 5.82 11.11 12.80
CA GLY F 150 4.92 11.74 13.78
C GLY F 150 3.47 11.29 13.89
N TYR F 151 3.21 10.05 14.33
CA TYR F 151 1.84 9.50 14.36
C TYR F 151 1.41 8.66 15.59
N PHE F 152 0.13 8.26 15.61
CA PHE F 152 -0.42 7.42 16.68
C PHE F 152 -1.84 6.87 16.40
N PRO F 153 -2.09 5.61 16.78
CA PRO F 153 -1.10 4.61 17.13
C PRO F 153 -0.91 3.57 16.01
N GLU F 154 -0.27 2.46 16.36
CA GLU F 154 -0.13 1.34 15.46
C GLU F 154 -1.52 0.88 15.06
N PRO F 155 -1.66 0.38 13.82
CA PRO F 155 -0.59 0.36 12.85
C PRO F 155 -0.79 1.48 11.83
N VAL F 156 -0.26 1.27 10.63
CA VAL F 156 -0.52 2.04 9.41
C VAL F 156 -0.12 1.09 8.30
N THR F 157 -0.76 1.20 7.14
CA THR F 157 -0.37 0.36 6.00
C THR F 157 0.23 1.16 4.84
N LEU F 158 1.53 0.94 4.65
CA LEU F 158 2.26 1.45 3.50
C LEU F 158 2.27 0.35 2.43
N THR F 159 2.15 0.75 1.17
CA THR F 159 2.45 -0.13 0.05
C THR F 159 2.98 0.65 -1.15
N TRP F 160 3.57 -0.07 -2.12
CA TRP F 160 4.02 0.53 -3.38
C TRP F 160 3.15 0.00 -4.54
N ASN F 161 2.63 0.93 -5.33
CA ASN F 161 1.69 0.66 -6.43
C ASN F 161 0.41 -0.10 -6.05
N SER F 162 -0.24 0.38 -4.99
CA SER F 162 -1.49 -0.17 -4.46
C SER F 162 -1.32 -1.60 -3.94
N GLY F 163 -0.31 -2.29 -4.49
CA GLY F 163 0.07 -3.65 -4.11
C GLY F 163 0.88 -4.28 -5.23
N SER F 164 0.82 -3.63 -6.41
CA SER F 164 1.37 -4.15 -7.66
C SER F 164 2.89 -4.26 -7.66
N LEU F 165 3.53 -3.51 -6.77
CA LEU F 165 4.96 -3.62 -6.59
C LEU F 165 5.23 -4.15 -5.18
N SER F 166 5.96 -5.25 -5.09
CA SER F 166 6.15 -5.96 -3.83
C SER F 166 7.53 -6.58 -3.70
N SER F 167 7.82 -7.52 -4.60
CA SER F 167 9.09 -8.26 -4.66
C SER F 167 10.33 -7.43 -4.27
N GLY F 168 10.66 -7.40 -2.98
CA GLY F 168 11.81 -6.62 -2.50
C GLY F 168 11.48 -5.26 -1.91
N VAL F 169 10.34 -5.17 -1.21
CA VAL F 169 10.00 -4.01 -0.39
C VAL F 169 10.57 -4.17 1.03
N HIS F 170 10.74 -3.07 1.75
CA HIS F 170 11.21 -3.12 3.13
C HIS F 170 10.54 -2.07 4.01
N THR F 171 9.67 -2.51 4.91
CA THR F 171 9.04 -1.62 5.88
C THR F 171 9.57 -1.85 7.31
N PHE F 172 10.29 -0.86 7.80
CA PHE F 172 11.04 -1.01 9.04
C PHE F 172 10.15 -0.76 10.23
N PRO F 173 10.31 -1.57 11.30
CA PRO F 173 9.49 -1.45 12.50
C PRO F 173 9.39 -0.02 12.97
N ALA F 174 8.18 0.43 13.27
CA ALA F 174 7.97 1.81 13.72
C ALA F 174 8.75 2.13 14.98
N VAL F 175 8.90 3.41 15.27
CA VAL F 175 9.77 3.86 16.35
C VAL F 175 9.15 5.04 17.07
N LEU F 176 9.34 5.10 18.39
CA LEU F 176 8.67 6.10 19.19
C LEU F 176 9.49 7.36 19.53
N GLN F 177 9.35 8.39 18.69
CA GLN F 177 9.81 9.74 19.04
C GLN F 177 8.78 10.43 19.94
N SER F 178 9.18 10.58 21.21
CA SER F 178 8.26 10.97 22.27
C SER F 178 6.94 10.17 22.17
N ASP F 179 5.81 10.89 22.14
CA ASP F 179 4.52 10.23 22.07
C ASP F 179 4.07 10.10 20.65
N LEU F 180 5.03 10.06 19.74
CA LEU F 180 4.72 9.81 18.35
C LEU F 180 5.56 8.68 17.80
N TYR F 181 5.19 8.23 16.61
CA TYR F 181 5.79 7.08 15.95
C TYR F 181 6.51 7.50 14.70
N THR F 182 7.24 6.58 14.07
CA THR F 182 7.98 6.89 12.85
C THR F 182 8.28 5.63 12.07
N LEU F 183 8.13 5.71 10.75
CA LEU F 183 8.35 4.57 9.85
C LEU F 183 8.83 5.00 8.44
N SER F 184 9.29 4.02 7.66
CA SER F 184 9.67 4.23 6.28
C SER F 184 9.82 2.88 5.56
N SER F 185 9.50 2.86 4.27
CA SER F 185 9.76 1.67 3.45
C SER F 185 10.66 1.95 2.25
N SER F 186 11.39 0.92 1.84
CA SER F 186 12.30 1.05 0.72
C SER F 186 11.97 0.03 -0.38
N VAL F 187 12.32 0.38 -1.62
CA VAL F 187 12.13 -0.50 -2.77
C VAL F 187 13.22 -0.29 -3.83
N THR F 188 13.57 -1.37 -4.52
CA THR F 188 14.74 -1.41 -5.41
C THR F 188 14.40 -1.93 -6.82
N VAL F 189 14.29 -0.99 -7.77
CA VAL F 189 13.82 -1.22 -9.14
C VAL F 189 14.99 -1.24 -10.14
N THR F 190 14.77 -1.78 -11.32
CA THR F 190 15.72 -1.66 -12.45
C THR F 190 15.77 -0.20 -12.87
N SER F 191 16.98 0.33 -13.01
CA SER F 191 17.17 1.68 -13.53
C SER F 191 16.15 2.03 -14.63
N SER F 192 15.91 1.05 -15.51
CA SER F 192 14.99 1.18 -16.65
C SER F 192 13.55 1.48 -16.26
N THR F 193 13.04 0.76 -15.27
CA THR F 193 11.62 0.85 -14.92
C THR F 193 11.19 2.08 -14.12
N TRP F 194 12.06 2.63 -13.27
CA TRP F 194 11.73 3.97 -12.79
C TRP F 194 12.25 5.01 -13.76
N PRO F 195 12.74 6.16 -13.25
CA PRO F 195 12.42 7.41 -13.91
C PRO F 195 11.17 7.26 -14.80
N SER F 196 11.35 6.66 -15.98
CA SER F 196 10.27 6.36 -16.94
C SER F 196 8.88 6.06 -16.31
N GLN F 197 8.65 4.80 -15.98
CA GLN F 197 7.39 4.36 -15.35
C GLN F 197 7.35 4.75 -13.86
N SER F 198 6.20 5.28 -13.44
CA SER F 198 6.00 5.84 -12.11
C SER F 198 5.70 4.79 -11.03
N ILE F 199 5.92 5.17 -9.77
CA ILE F 199 5.55 4.37 -8.60
C ILE F 199 4.93 5.26 -7.54
N THR F 200 3.61 5.18 -7.40
CA THR F 200 2.86 5.93 -6.39
C THR F 200 2.85 5.19 -5.05
N CYS F 201 3.33 5.85 -4.01
CA CYS F 201 3.51 5.22 -2.70
C CYS F 201 2.26 5.33 -1.82
N ASN F 202 1.52 4.23 -1.75
CA ASN F 202 0.18 4.19 -1.18
C ASN F 202 0.17 3.88 0.30
N VAL F 203 -0.15 4.89 1.11
CA VAL F 203 -0.14 4.73 2.56
C VAL F 203 -1.48 5.11 3.18
N ALA F 204 -1.85 4.38 4.24
CA ALA F 204 -3.09 4.62 4.98
C ALA F 204 -2.92 4.44 6.49
N HIS F 205 -3.57 5.30 7.27
CA HIS F 205 -3.63 5.18 8.71
C HIS F 205 -5.06 4.80 9.09
N PRO F 206 -5.25 3.74 9.91
CA PRO F 206 -6.60 3.38 10.29
C PRO F 206 -7.23 4.40 11.24
N ALA F 207 -6.58 4.67 12.38
CA ALA F 207 -7.14 5.56 13.39
C ALA F 207 -7.34 7.01 12.91
N SER F 208 -6.77 7.36 11.76
CA SER F 208 -7.01 8.67 11.14
C SER F 208 -7.93 8.55 9.94
N SER F 209 -7.60 7.60 9.05
CA SER F 209 -8.35 7.30 7.82
C SER F 209 -7.95 8.19 6.64
N THR F 210 -6.72 8.01 6.15
CA THR F 210 -6.23 8.79 5.00
C THR F 210 -5.55 7.95 3.93
N LYS F 211 -6.06 8.07 2.69
CA LYS F 211 -5.48 7.44 1.50
C LYS F 211 -4.62 8.43 0.71
N VAL F 212 -3.41 8.66 1.20
CA VAL F 212 -2.47 9.57 0.56
C VAL F 212 -1.42 8.73 -0.18
N ASP F 213 -1.31 8.93 -1.49
CA ASP F 213 -0.52 8.03 -2.37
C ASP F 213 0.49 8.74 -3.27
N LYS F 214 1.70 8.96 -2.75
CA LYS F 214 2.71 9.85 -3.39
C LYS F 214 3.55 9.21 -4.50
N LYS F 215 4.37 10.02 -5.17
CA LYS F 215 5.25 9.55 -6.24
C LYS F 215 6.52 10.41 -6.35
#